data_3RPI
#
_entry.id   3RPI
#
_cell.length_a   63.620
_cell.length_b   155.680
_cell.length_c   74.760
_cell.angle_alpha   90.00
_cell.angle_beta   110.40
_cell.angle_gamma   90.00
#
_symmetry.space_group_name_H-M   'P 1 21 1'
#
loop_
_entity.id
_entity.type
_entity.pdbx_description
1 polymer 'Light chain from highly potent anti-HIV neutralizing antibody'
2 polymer 'Heavy chain from highly potent anti-HIV neutralizing antibody'
3 non-polymer 2-acetamido-2-deoxy-beta-D-glucopyranose
4 water water
#
loop_
_entity_poly.entity_id
_entity_poly.type
_entity_poly.pdbx_seq_one_letter_code
_entity_poly.pdbx_strand_id
1 'polypeptide(L)'
;DIQMTQSPSSLSARVGDTVTITCQANGYLNWYQQRRGKAPKLLIYDGSKLERGVPARFSGRRWGQEYNLTINNLQPEDVA
TYFCQVYEFIVPGTRLDLKRTVAAPSVFIFPPSDEQLKSGTASVVCLLNNFYPREAKVQWKVDNALQSGNSQESVTEQDS
KDSTYSLSSTLTLSKADYEKHKVYACEVTHQGLSSPVTKSFNRGEC
;
L,B
2 'polypeptide(L)'
;QVHLSQSGAAVTKPGASVRVSCEASGYKISDHFIHWWRQAPGQGLQWVGWINPKTGQPNNPRQFQGRVSLTRQASWDFDT
YSFYMDLKAVRSDDTAIYFCARQRSDFWDFDVWGSGTQVTVSSASTKGPSVFPLAPSSKSTSGGTAALGCLVKDYFPEPV
TVSWNSGALTSGVHTFPAVLQSSGLYSLSSVVTVPSSSLGTQTYICNVNHKPSNTKVDKRVEPKSCDKT
;
H,A
#
loop_
_chem_comp.id
_chem_comp.type
_chem_comp.name
_chem_comp.formula
NAG D-saccharide, beta linking 2-acetamido-2-deoxy-beta-D-glucopyranose 'C8 H15 N O6'
#
# COMPACT_ATOMS: atom_id res chain seq x y z
N GLN A 3 12.35 -39.04 8.01
CA GLN A 3 11.98 -37.63 8.03
C GLN A 3 12.99 -36.76 7.30
N MET A 4 12.59 -36.30 6.12
CA MET A 4 13.55 -35.89 5.07
C MET A 4 14.08 -34.44 5.05
N THR A 5 15.40 -34.34 5.06
CA THR A 5 16.07 -33.05 4.99
C THR A 5 17.04 -33.02 3.82
N GLN A 6 17.40 -31.81 3.37
CA GLN A 6 18.45 -31.69 2.37
C GLN A 6 19.55 -30.72 2.79
N SER A 7 20.77 -31.04 2.38
CA SER A 7 21.93 -30.19 2.68
C SER A 7 22.89 -30.09 1.48
N PRO A 8 23.39 -28.87 1.21
CA PRO A 8 23.08 -27.63 1.90
C PRO A 8 22.04 -26.81 1.13
N SER A 9 21.79 -25.59 1.57
CA SER A 9 20.72 -24.78 0.97
C SER A 9 21.20 -24.02 -0.27
N SER A 10 22.50 -23.74 -0.30
CA SER A 10 23.17 -23.05 -1.43
C SER A 10 24.52 -23.67 -1.73
N LEU A 11 24.80 -23.86 -3.01
CA LEU A 11 26.13 -24.26 -3.49
C LEU A 11 26.62 -23.37 -4.63
N SER A 12 27.87 -22.96 -4.56
CA SER A 12 28.55 -22.33 -5.67
C SER A 12 29.69 -23.25 -6.07
N ALA A 13 29.79 -23.56 -7.35
CA ALA A 13 30.96 -24.30 -7.80
C ALA A 13 31.51 -23.84 -9.14
N ARG A 14 32.78 -24.16 -9.34
CA ARG A 14 33.49 -23.77 -10.54
C ARG A 14 33.13 -24.73 -11.69
N VAL A 15 33.15 -24.25 -12.93
CA VAL A 15 32.99 -25.19 -14.05
C VAL A 15 34.08 -26.28 -14.03
N GLY A 16 33.72 -27.52 -14.28
CA GLY A 16 34.72 -28.59 -14.25
C GLY A 16 34.91 -29.25 -12.88
N ASP A 17 34.32 -28.65 -11.86
CA ASP A 17 34.38 -29.22 -10.52
C ASP A 17 33.25 -30.23 -10.28
N THR A 18 33.27 -30.83 -9.11
CA THR A 18 32.31 -31.85 -8.73
C THR A 18 31.54 -31.36 -7.52
N VAL A 19 30.22 -31.48 -7.55
CA VAL A 19 29.43 -31.14 -6.38
C VAL A 19 28.56 -32.30 -5.92
N THR A 20 28.27 -32.32 -4.63
CA THR A 20 27.48 -33.37 -4.03
C THR A 20 26.34 -32.76 -3.19
N ILE A 21 25.14 -33.31 -3.34
CA ILE A 21 24.00 -32.83 -2.59
C ILE A 21 23.38 -34.02 -1.86
N THR A 22 23.09 -33.85 -0.57
CA THR A 22 22.59 -34.93 0.26
C THR A 22 21.13 -34.75 0.74
N CYS A 23 20.33 -35.81 0.67
CA CYS A 23 19.09 -35.88 1.44
C CYS A 23 19.14 -36.97 2.50
N GLN A 24 18.40 -36.76 3.57
CA GLN A 24 18.12 -37.80 4.53
C GLN A 24 16.70 -38.23 4.25
N ALA A 25 16.50 -39.50 3.94
CA ALA A 25 15.15 -40.00 3.69
C ALA A 25 15.01 -41.53 3.65
N ASN A 26 13.83 -42.01 3.25
CA ASN A 26 13.54 -43.44 3.25
C ASN A 26 12.64 -43.71 2.05
N GLY A 27 12.84 -44.84 1.38
CA GLY A 27 12.00 -45.22 0.26
C GLY A 27 12.57 -45.12 -1.15
N TYR A 28 11.66 -45.10 -2.11
CA TYR A 28 11.99 -44.90 -3.51
C TYR A 28 12.15 -43.41 -3.78
N LEU A 29 13.40 -42.96 -3.88
CA LEU A 29 13.72 -41.54 -3.97
C LEU A 29 14.15 -41.07 -5.37
N ASN A 30 13.68 -39.90 -5.76
CA ASN A 30 14.07 -39.33 -7.04
C ASN A 30 14.65 -37.94 -6.90
N TRP A 31 15.62 -37.62 -7.77
CA TRP A 31 16.23 -36.30 -7.82
C TRP A 31 15.82 -35.58 -9.08
N TYR A 32 15.46 -34.30 -8.91
CA TYR A 32 15.09 -33.44 -10.03
C TYR A 32 15.94 -32.16 -10.13
N GLN A 33 16.00 -31.65 -11.35
CA GLN A 33 16.66 -30.40 -11.64
C GLN A 33 15.57 -29.47 -12.04
N GLN A 34 15.63 -28.24 -11.53
CA GLN A 34 14.61 -27.26 -11.86
C GLN A 34 15.22 -25.88 -12.10
N ARG A 35 15.04 -25.41 -13.33
CA ARG A 35 15.55 -24.12 -13.76
C ARG A 35 14.58 -23.06 -13.41
N ARG A 36 14.95 -22.32 -12.38
CA ARG A 36 14.55 -20.95 -12.20
C ARG A 36 13.63 -20.51 -13.33
N GLY A 37 12.33 -20.70 -13.14
CA GLY A 37 11.36 -20.28 -14.14
C GLY A 37 10.75 -21.41 -14.96
N LYS A 38 11.06 -22.66 -14.60
CA LYS A 38 10.71 -23.79 -15.44
C LYS A 38 10.16 -25.00 -14.67
N ALA A 39 9.80 -26.05 -15.40
CA ALA A 39 9.34 -27.30 -14.83
C ALA A 39 10.48 -28.24 -14.48
N PRO A 40 10.28 -29.07 -13.45
CA PRO A 40 11.36 -29.97 -13.04
C PRO A 40 11.76 -30.88 -14.17
N LYS A 41 12.95 -31.45 -14.05
CA LYS A 41 13.46 -32.45 -14.98
C LYS A 41 14.04 -33.62 -14.17
N LEU A 42 13.63 -34.84 -14.50
CA LEU A 42 14.08 -36.01 -13.74
C LEU A 42 15.52 -36.32 -14.05
N LEU A 43 16.38 -36.37 -13.03
CA LEU A 43 17.79 -36.75 -13.19
C LEU A 43 18.06 -38.17 -12.76
N ILE A 44 17.60 -38.52 -11.56
CA ILE A 44 17.80 -39.91 -11.09
C ILE A 44 16.55 -40.47 -10.47
N TYR A 45 16.21 -41.70 -10.80
CA TYR A 45 15.09 -42.32 -10.13
C TYR A 45 15.56 -43.49 -9.29
N ASP A 46 14.82 -43.77 -8.21
CA ASP A 46 15.08 -44.91 -7.37
C ASP A 46 16.54 -44.94 -6.91
N GLY A 47 16.97 -43.82 -6.35
CA GLY A 47 18.24 -43.76 -5.68
C GLY A 47 19.41 -43.47 -6.59
N SER A 48 19.49 -44.18 -7.71
CA SER A 48 20.79 -44.28 -8.40
C SER A 48 20.66 -44.63 -9.86
N LYS A 49 19.44 -44.92 -10.30
CA LYS A 49 19.18 -45.11 -11.72
C LYS A 49 19.16 -43.77 -12.45
N LEU A 50 20.03 -43.67 -13.45
CA LEU A 50 20.13 -42.47 -14.27
C LEU A 50 19.03 -42.44 -15.31
N GLU A 51 18.30 -41.34 -15.35
CA GLU A 51 17.19 -41.25 -16.27
C GLU A 51 17.68 -41.15 -17.71
N ARG A 52 17.12 -41.98 -18.59
CA ARG A 52 17.38 -41.92 -20.04
C ARG A 52 17.53 -40.49 -20.51
N GLY A 53 18.60 -40.24 -21.26
CA GLY A 53 18.85 -38.94 -21.85
C GLY A 53 19.57 -37.95 -20.95
N VAL A 54 20.07 -38.38 -19.82
CA VAL A 54 20.74 -37.44 -18.93
C VAL A 54 22.21 -37.81 -18.84
N PRO A 55 23.09 -36.83 -18.92
CA PRO A 55 24.53 -37.14 -19.01
C PRO A 55 24.96 -37.98 -17.84
N ALA A 56 25.82 -38.97 -18.12
CA ALA A 56 26.37 -39.83 -17.08
C ALA A 56 27.26 -39.10 -16.07
N ARG A 57 27.43 -37.78 -16.24
CA ARG A 57 28.12 -37.05 -15.19
C ARG A 57 27.17 -36.79 -14.01
N PHE A 58 25.90 -37.19 -14.14
CA PHE A 58 24.99 -37.28 -12.98
C PHE A 58 24.94 -38.70 -12.43
N SER A 59 24.92 -38.85 -11.12
CA SER A 59 24.74 -40.17 -10.48
C SER A 59 24.27 -40.09 -9.04
N GLY A 60 23.81 -41.20 -8.51
CA GLY A 60 23.21 -41.18 -7.19
C GLY A 60 23.59 -42.40 -6.39
N ARG A 61 23.86 -42.19 -5.10
CA ARG A 61 24.27 -43.25 -4.19
C ARG A 61 23.36 -43.30 -2.97
N ARG A 62 22.73 -44.44 -2.71
CA ARG A 62 22.06 -44.62 -1.43
C ARG A 62 22.99 -45.36 -0.45
N TRP A 63 22.98 -44.93 0.80
CA TRP A 63 23.55 -45.75 1.83
C TRP A 63 22.75 -45.48 3.10
N GLY A 64 21.89 -46.44 3.45
CA GLY A 64 20.97 -46.28 4.57
C GLY A 64 19.94 -45.21 4.31
N GLN A 65 19.96 -44.15 5.10
CA GLN A 65 18.99 -43.07 4.95
C GLN A 65 19.58 -41.90 4.22
N GLU A 66 20.81 -42.07 3.74
CA GLU A 66 21.55 -41.02 3.06
C GLU A 66 21.48 -41.23 1.55
N TYR A 67 21.02 -40.22 0.84
CA TYR A 67 21.08 -40.27 -0.62
C TYR A 67 21.93 -39.12 -1.13
N ASN A 68 23.02 -39.43 -1.83
CA ASN A 68 23.80 -38.38 -2.46
C ASN A 68 23.38 -38.34 -3.90
N LEU A 69 23.23 -37.12 -4.40
CA LEU A 69 23.28 -36.82 -5.83
C LEU A 69 24.64 -36.18 -6.12
N THR A 70 25.34 -36.72 -7.10
CA THR A 70 26.64 -36.17 -7.47
C THR A 70 26.65 -35.70 -8.93
N ILE A 71 27.16 -34.49 -9.15
CA ILE A 71 27.41 -33.96 -10.48
C ILE A 71 28.89 -33.76 -10.63
N ASN A 72 29.47 -34.42 -11.61
CA ASN A 72 30.86 -34.44 -11.91
C ASN A 72 31.10 -33.60 -13.10
N ASN A 73 32.23 -32.92 -13.14
CA ASN A 73 32.55 -32.07 -14.25
C ASN A 73 31.52 -31.02 -14.51
N LEU A 74 31.09 -30.41 -13.46
CA LEU A 74 30.04 -29.41 -13.53
C LEU A 74 30.10 -28.47 -14.77
N GLN A 75 28.96 -28.30 -15.40
CA GLN A 75 28.81 -27.47 -16.59
C GLN A 75 27.87 -26.26 -16.35
N PRO A 76 28.00 -25.19 -17.16
CA PRO A 76 27.20 -23.95 -17.09
C PRO A 76 25.68 -24.14 -17.14
N GLU A 77 25.24 -25.22 -17.77
CA GLU A 77 23.84 -25.52 -17.87
C GLU A 77 23.35 -26.26 -16.60
N ASP A 78 24.26 -26.54 -15.66
CA ASP A 78 23.88 -27.24 -14.43
C ASP A 78 23.38 -26.28 -13.35
N VAL A 79 23.38 -24.99 -13.67
CA VAL A 79 22.96 -23.97 -12.72
C VAL A 79 21.47 -24.02 -12.59
N ALA A 80 21.02 -24.45 -11.41
CA ALA A 80 19.59 -24.67 -11.11
C ALA A 80 19.38 -25.00 -9.66
N THR A 81 18.16 -25.40 -9.34
CA THR A 81 17.86 -25.90 -8.00
C THR A 81 17.69 -27.39 -8.14
N TYR A 82 18.22 -28.13 -7.17
CA TYR A 82 18.07 -29.58 -7.19
C TYR A 82 17.26 -30.06 -5.98
N PHE A 83 16.39 -31.04 -6.17
CA PHE A 83 15.68 -31.59 -5.01
C PHE A 83 15.35 -33.08 -5.07
N CYS A 84 15.21 -33.67 -3.90
CA CYS A 84 14.82 -35.07 -3.80
C CYS A 84 13.35 -35.18 -3.41
N GLN A 85 12.76 -36.33 -3.71
CA GLN A 85 11.32 -36.49 -3.58
C GLN A 85 11.02 -37.93 -3.26
N VAL A 86 10.17 -38.14 -2.27
CA VAL A 86 9.69 -39.48 -1.96
C VAL A 86 8.18 -39.38 -1.86
N TYR A 87 7.49 -40.12 -2.72
CA TYR A 87 6.05 -39.97 -2.84
C TYR A 87 5.67 -38.51 -2.76
N GLU A 88 4.79 -38.12 -1.84
CA GLU A 88 4.28 -36.74 -1.82
C GLU A 88 5.24 -35.70 -1.29
N PHE A 89 6.36 -36.13 -0.75
CA PHE A 89 7.21 -35.19 -0.03
C PHE A 89 8.37 -34.70 -0.89
N ILE A 90 8.43 -33.40 -1.12
CA ILE A 90 9.54 -32.84 -1.87
C ILE A 90 10.27 -31.81 -1.05
N VAL A 91 11.54 -32.09 -0.76
CA VAL A 91 12.39 -31.13 -0.08
C VAL A 91 12.44 -29.80 -0.83
N PRO A 92 12.64 -28.69 -0.10
CA PRO A 92 12.68 -27.34 -0.71
C PRO A 92 13.87 -27.14 -1.66
N GLY A 93 14.99 -27.79 -1.37
CA GLY A 93 16.08 -27.86 -2.33
C GLY A 93 17.26 -26.92 -2.24
N THR A 94 18.27 -27.22 -3.04
CA THR A 94 19.54 -26.50 -3.05
C THR A 94 19.74 -25.72 -4.35
N ARG A 95 19.92 -24.40 -4.23
CA ARG A 95 20.38 -23.55 -5.34
C ARG A 95 21.84 -23.85 -5.68
N LEU A 96 22.16 -24.15 -6.94
CA LEU A 96 23.56 -24.23 -7.38
C LEU A 96 23.83 -23.06 -8.32
N ASP A 97 24.86 -22.28 -8.01
CA ASP A 97 25.31 -21.27 -8.95
C ASP A 97 26.79 -21.44 -9.31
N LEU A 98 27.17 -20.83 -10.42
CA LEU A 98 28.54 -20.88 -10.92
C LEU A 98 29.38 -19.90 -10.13
N LYS A 99 30.51 -20.36 -9.64
CA LYS A 99 31.44 -19.52 -8.90
C LYS A 99 32.29 -18.64 -9.83
N ARG A 100 32.61 -17.45 -9.37
CA ARG A 100 33.45 -16.53 -10.12
C ARG A 100 34.18 -15.73 -9.07
N THR A 101 35.09 -14.88 -9.52
CA THR A 101 35.85 -14.04 -8.62
C THR A 101 34.90 -13.12 -7.88
N VAL A 102 35.19 -12.87 -6.62
CA VAL A 102 34.32 -11.99 -5.84
C VAL A 102 34.25 -10.61 -6.48
N ALA A 103 33.08 -9.99 -6.38
CA ALA A 103 32.82 -8.71 -7.02
C ALA A 103 31.88 -7.85 -6.17
N ALA A 104 32.37 -6.70 -5.72
CA ALA A 104 31.56 -5.78 -4.93
C ALA A 104 30.53 -5.11 -5.83
N PRO A 105 29.36 -4.80 -5.28
CA PRO A 105 28.28 -4.12 -6.01
C PRO A 105 28.67 -2.72 -6.49
N SER A 106 28.43 -2.45 -7.76
CA SER A 106 28.38 -1.08 -8.25
C SER A 106 27.12 -0.48 -7.62
N VAL A 107 27.26 0.50 -6.73
CA VAL A 107 26.08 1.00 -6.03
C VAL A 107 25.60 2.38 -6.51
N PHE A 108 24.29 2.51 -6.65
CA PHE A 108 23.65 3.77 -7.05
C PHE A 108 22.32 4.02 -6.35
N ILE A 109 21.90 5.29 -6.39
CA ILE A 109 20.64 5.70 -5.79
C ILE A 109 19.87 6.55 -6.80
N PHE A 110 18.56 6.58 -6.65
CA PHE A 110 17.71 7.32 -7.57
C PHE A 110 16.61 8.01 -6.78
N PRO A 111 16.71 9.34 -6.70
CA PRO A 111 15.71 10.22 -6.09
C PRO A 111 14.41 10.06 -6.85
N PRO A 112 13.30 10.30 -6.18
CA PRO A 112 11.99 10.31 -6.83
C PRO A 112 11.94 11.24 -8.06
N SER A 113 11.26 10.79 -9.11
CA SER A 113 11.00 11.62 -10.28
C SER A 113 9.88 12.60 -9.99
N ASP A 114 10.07 13.86 -10.34
CA ASP A 114 9.07 14.85 -10.04
C ASP A 114 7.73 14.55 -10.73
N GLU A 115 7.82 14.05 -11.96
CA GLU A 115 6.65 13.57 -12.68
C GLU A 115 5.77 12.69 -11.79
N GLN A 116 6.42 11.94 -10.90
CA GLN A 116 5.76 10.99 -10.02
C GLN A 116 5.24 11.63 -8.72
N LEU A 117 6.03 12.52 -8.11
CA LEU A 117 5.54 13.22 -6.93
C LEU A 117 4.16 13.82 -7.20
N LYS A 118 3.92 14.24 -8.44
CA LYS A 118 2.59 14.71 -8.86
C LYS A 118 1.47 13.72 -8.57
N SER A 119 1.84 12.49 -8.22
CA SER A 119 0.86 11.43 -7.99
C SER A 119 0.65 11.19 -6.50
N GLY A 120 1.47 11.84 -5.68
CA GLY A 120 1.37 11.77 -4.24
C GLY A 120 2.23 10.72 -3.58
N THR A 121 2.68 9.75 -4.38
CA THR A 121 3.55 8.68 -3.90
C THR A 121 4.96 8.94 -4.37
N ALA A 122 5.92 8.88 -3.45
CA ALA A 122 7.34 8.97 -3.84
C ALA A 122 8.04 7.60 -3.77
N SER A 123 8.93 7.31 -4.73
CA SER A 123 9.68 6.05 -4.72
C SER A 123 11.20 6.24 -4.83
N VAL A 124 11.93 5.98 -3.75
CA VAL A 124 13.39 6.01 -3.84
C VAL A 124 13.93 4.62 -4.22
N VAL A 125 14.91 4.59 -5.11
CA VAL A 125 15.41 3.33 -5.62
C VAL A 125 16.89 3.14 -5.36
N CYS A 126 17.28 1.92 -5.01
CA CYS A 126 18.70 1.58 -4.88
C CYS A 126 19.06 0.46 -5.82
N LEU A 127 20.23 0.57 -6.43
CA LEU A 127 20.71 -0.41 -7.39
C LEU A 127 22.06 -0.92 -6.97
N LEU A 128 22.17 -2.23 -6.79
CA LEU A 128 23.45 -2.89 -6.57
C LEU A 128 23.70 -3.66 -7.83
N ASN A 129 24.81 -3.36 -8.49
CA ASN A 129 25.01 -3.89 -9.82
C ASN A 129 26.21 -4.81 -9.94
N ASN A 130 25.96 -5.96 -10.54
CA ASN A 130 27.00 -6.90 -10.90
C ASN A 130 27.94 -7.28 -9.76
N PHE A 131 27.39 -7.94 -8.75
CA PHE A 131 28.16 -8.40 -7.61
C PHE A 131 28.16 -9.93 -7.48
N TYR A 132 29.14 -10.47 -6.77
CA TYR A 132 29.20 -11.90 -6.48
C TYR A 132 30.04 -12.16 -5.23
N PRO A 133 29.60 -13.11 -4.37
CA PRO A 133 28.43 -13.98 -4.52
C PRO A 133 27.14 -13.23 -4.30
N ARG A 134 26.02 -13.94 -4.25
CA ARG A 134 24.74 -13.26 -4.36
C ARG A 134 24.11 -12.78 -3.06
N GLU A 135 24.67 -13.16 -1.91
CA GLU A 135 24.09 -12.71 -0.63
C GLU A 135 24.44 -11.27 -0.36
N ALA A 136 23.45 -10.48 0.02
CA ALA A 136 23.65 -9.05 0.17
C ALA A 136 22.65 -8.40 1.12
N LYS A 137 23.03 -7.24 1.66
CA LYS A 137 22.16 -6.49 2.57
C LYS A 137 22.07 -5.01 2.23
N VAL A 138 20.90 -4.57 1.78
CA VAL A 138 20.66 -3.12 1.59
C VAL A 138 20.19 -2.48 2.88
N GLN A 139 20.60 -1.24 3.10
CA GLN A 139 20.06 -0.45 4.21
C GLN A 139 19.61 0.92 3.73
N TRP A 140 18.36 1.25 4.05
CA TRP A 140 17.79 2.53 3.67
C TRP A 140 17.87 3.53 4.83
N LYS A 141 18.69 4.56 4.67
CA LYS A 141 18.78 5.61 5.70
C LYS A 141 18.42 6.99 5.16
N VAL A 142 17.66 7.74 5.96
CA VAL A 142 17.33 9.12 5.64
C VAL A 142 17.49 9.98 6.89
N ASP A 143 18.37 10.96 6.82
CA ASP A 143 18.70 11.77 7.99
C ASP A 143 19.16 10.87 9.13
N ASN A 144 19.75 9.73 8.78
CA ASN A 144 20.26 8.77 9.76
C ASN A 144 19.15 7.99 10.49
N ALA A 145 17.91 8.25 10.10
CA ALA A 145 16.79 7.46 10.56
C ALA A 145 16.87 6.12 9.86
N LEU A 146 16.57 5.05 10.58
CA LEU A 146 16.60 3.73 9.97
C LEU A 146 15.19 3.24 9.70
N GLN A 147 14.85 3.16 8.42
CA GLN A 147 13.51 2.71 8.03
C GLN A 147 13.46 1.20 8.09
N SER A 148 12.32 0.69 8.55
CA SER A 148 12.24 -0.68 9.04
C SER A 148 10.99 -1.39 8.52
N GLY A 149 10.14 -0.62 7.87
CA GLY A 149 9.07 -1.16 7.04
C GLY A 149 9.22 -0.39 5.75
N ASN A 150 8.32 -0.61 4.78
CA ASN A 150 8.26 0.22 3.56
C ASN A 150 9.32 -0.03 2.45
N SER A 151 9.81 -1.26 2.33
CA SER A 151 10.86 -1.58 1.35
C SER A 151 10.56 -2.83 0.52
N GLN A 152 10.81 -2.75 -0.79
CA GLN A 152 10.80 -3.93 -1.64
C GLN A 152 12.21 -4.28 -2.09
N GLU A 153 12.43 -5.54 -2.43
CA GLU A 153 13.69 -6.02 -2.96
C GLU A 153 13.49 -7.06 -4.05
N SER A 154 14.29 -6.95 -5.10
CA SER A 154 14.20 -7.84 -6.25
C SER A 154 15.64 -8.12 -6.69
N VAL A 155 15.91 -9.37 -7.10
CA VAL A 155 17.25 -9.73 -7.50
C VAL A 155 17.18 -10.50 -8.81
N THR A 156 18.13 -10.26 -9.70
CA THR A 156 18.24 -11.01 -10.97
C THR A 156 18.73 -12.44 -10.77
N GLU A 157 18.50 -13.27 -11.78
CA GLU A 157 19.12 -14.60 -11.84
C GLU A 157 20.61 -14.43 -12.11
N GLN A 158 21.42 -15.45 -11.89
CA GLN A 158 22.84 -15.29 -12.19
C GLN A 158 22.99 -14.96 -13.65
N ASP A 159 23.83 -14.00 -13.97
CA ASP A 159 23.91 -13.54 -15.35
C ASP A 159 24.69 -14.52 -16.20
N SER A 160 24.12 -14.87 -17.36
CA SER A 160 24.65 -15.94 -18.23
C SER A 160 25.94 -15.53 -18.93
N LYS A 161 26.48 -14.37 -18.57
CA LYS A 161 27.69 -13.90 -19.23
C LYS A 161 28.80 -13.68 -18.25
N ASP A 162 28.54 -12.83 -17.27
CA ASP A 162 29.56 -12.39 -16.33
C ASP A 162 29.34 -13.00 -14.96
N SER A 163 28.40 -13.94 -14.88
CA SER A 163 28.12 -14.68 -13.66
C SER A 163 27.85 -13.83 -12.40
N THR A 164 27.32 -12.62 -12.59
CA THR A 164 27.01 -11.76 -11.46
C THR A 164 25.53 -11.76 -11.16
N TYR A 165 25.19 -11.06 -10.09
CA TYR A 165 23.82 -10.80 -9.76
C TYR A 165 23.65 -9.30 -9.67
N SER A 166 22.40 -8.86 -9.66
CA SER A 166 22.08 -7.46 -9.42
C SER A 166 20.85 -7.43 -8.55
N LEU A 167 20.69 -6.34 -7.81
CA LEU A 167 19.60 -6.21 -6.86
C LEU A 167 19.07 -4.82 -6.88
N SER A 168 17.75 -4.72 -6.92
CA SER A 168 17.03 -3.44 -6.82
C SER A 168 16.13 -3.40 -5.58
N SER A 169 16.18 -2.29 -4.86
CA SER A 169 15.41 -2.16 -3.62
C SER A 169 14.60 -0.86 -3.66
N THR A 170 13.28 -0.96 -3.58
CA THR A 170 12.43 0.22 -3.71
C THR A 170 11.80 0.69 -2.39
N LEU A 171 12.32 1.80 -1.89
CA LEU A 171 11.75 2.48 -0.73
C LEU A 171 10.61 3.41 -1.16
N THR A 172 9.37 2.95 -1.00
CA THR A 172 8.19 3.75 -1.34
C THR A 172 7.58 4.50 -0.14
N LEU A 173 7.57 5.84 -0.20
CA LEU A 173 6.94 6.67 0.84
C LEU A 173 6.16 7.90 0.33
N SER A 174 5.08 8.25 1.03
CA SER A 174 4.16 9.30 0.59
C SER A 174 4.80 10.67 0.30
N LYS A 175 4.06 11.47 -0.45
CA LYS A 175 4.47 12.82 -0.89
C LYS A 175 4.94 13.76 0.23
N ALA A 176 4.24 13.77 1.34
CA ALA A 176 4.53 14.72 2.41
C ALA A 176 5.81 14.37 3.16
N ASP A 177 5.77 13.24 3.85
CA ASP A 177 6.87 12.81 4.69
C ASP A 177 8.19 12.73 3.94
N TYR A 178 8.16 12.81 2.61
CA TYR A 178 9.40 12.85 1.83
C TYR A 178 10.09 14.20 1.90
N GLU A 179 9.35 15.26 1.61
CA GLU A 179 9.92 16.61 1.52
C GLU A 179 10.55 17.12 2.81
N LYS A 180 10.12 16.52 3.93
CA LYS A 180 10.45 16.92 5.29
C LYS A 180 11.85 16.56 5.73
N HIS A 181 12.55 15.79 4.91
CA HIS A 181 13.86 15.34 5.32
C HIS A 181 14.82 15.64 4.18
N LYS A 182 16.11 15.58 4.47
CA LYS A 182 17.12 16.12 3.57
C LYS A 182 18.03 15.08 2.95
N VAL A 183 18.76 14.36 3.80
CA VAL A 183 19.76 13.39 3.32
C VAL A 183 19.21 11.97 3.15
N TYR A 184 19.23 11.51 1.91
CA TYR A 184 18.83 10.15 1.60
C TYR A 184 20.02 9.30 1.17
N ALA A 185 20.42 8.38 2.04
CA ALA A 185 21.55 7.52 1.75
C ALA A 185 21.14 6.04 1.57
N CYS A 186 21.82 5.36 0.66
CA CYS A 186 21.71 3.90 0.54
C CYS A 186 23.01 3.27 1.02
N GLU A 187 22.91 2.40 2.03
CA GLU A 187 24.10 1.76 2.61
C GLU A 187 24.04 0.22 2.55
N VAL A 188 24.88 -0.36 1.69
CA VAL A 188 24.84 -1.80 1.47
C VAL A 188 26.09 -2.53 1.96
N THR A 189 25.89 -3.73 2.49
CA THR A 189 27.00 -4.54 2.98
C THR A 189 27.10 -5.87 2.22
N HIS A 190 28.23 -6.10 1.56
CA HIS A 190 28.44 -7.30 0.75
C HIS A 190 29.80 -7.93 1.01
N GLN A 191 29.88 -9.24 0.83
CA GLN A 191 31.14 -9.94 1.04
C GLN A 191 32.33 -9.23 0.43
N GLY A 192 32.24 -8.93 -0.85
CA GLY A 192 33.37 -8.38 -1.59
C GLY A 192 33.70 -6.95 -1.26
N LEU A 193 33.00 -6.39 -0.28
CA LEU A 193 33.25 -5.01 0.12
C LEU A 193 33.90 -4.91 1.51
N SER A 194 35.11 -4.35 1.53
CA SER A 194 35.91 -4.23 2.76
C SER A 194 35.19 -3.49 3.87
N SER A 195 34.22 -2.66 3.50
CA SER A 195 33.53 -1.78 4.44
C SER A 195 32.19 -1.33 3.86
N PRO A 196 31.10 -1.59 4.59
CA PRO A 196 29.79 -1.16 4.06
C PRO A 196 29.94 0.24 3.48
N VAL A 197 29.56 0.44 2.22
CA VAL A 197 29.68 1.76 1.60
C VAL A 197 28.34 2.34 1.20
N THR A 198 28.27 3.66 1.18
CA THR A 198 27.02 4.36 0.97
C THR A 198 27.07 5.34 -0.19
N LYS A 199 25.97 5.41 -0.93
CA LYS A 199 25.76 6.48 -1.89
C LYS A 199 24.57 7.30 -1.39
N SER A 200 24.78 8.59 -1.16
CA SER A 200 23.80 9.42 -0.47
C SER A 200 23.53 10.74 -1.18
N PHE A 201 22.27 11.05 -1.42
CA PHE A 201 21.89 12.33 -2.02
C PHE A 201 21.10 13.28 -1.10
N ASN A 202 20.75 14.44 -1.65
CA ASN A 202 19.90 15.44 -1.01
C ASN A 202 19.78 16.63 -1.96
N ARG A 203 19.11 17.69 -1.54
CA ARG A 203 18.86 18.79 -2.46
C ARG A 203 20.02 19.75 -2.74
N GLY A 204 20.64 19.54 -3.90
CA GLY A 204 21.67 20.41 -4.43
C GLY A 204 21.68 20.34 -5.95
N GLU A 205 21.30 19.16 -6.46
CA GLU A 205 21.27 18.86 -7.90
C GLU A 205 21.95 19.90 -8.80
N VAL B 2 5.55 -38.43 -25.65
CA VAL B 2 4.81 -38.36 -24.40
C VAL B 2 4.84 -36.94 -23.83
N HIS B 3 3.70 -36.26 -23.84
CA HIS B 3 3.72 -34.81 -23.69
C HIS B 3 2.53 -34.24 -22.93
N LEU B 4 2.77 -33.15 -22.19
CA LEU B 4 1.75 -32.47 -21.38
C LEU B 4 1.79 -30.97 -21.60
N SER B 5 0.69 -30.41 -22.09
CA SER B 5 0.63 -28.96 -22.28
C SER B 5 -0.43 -28.37 -21.38
N GLN B 6 -0.07 -27.35 -20.63
CA GLN B 6 -1.01 -26.74 -19.71
C GLN B 6 -1.62 -25.48 -20.27
N SER B 7 -2.74 -25.07 -19.71
CA SER B 7 -3.38 -23.80 -20.07
C SER B 7 -2.50 -22.58 -19.75
N GLY B 8 -2.95 -21.42 -20.19
CA GLY B 8 -2.24 -20.18 -19.94
C GLY B 8 -2.54 -19.59 -18.58
N ALA B 9 -1.79 -18.55 -18.23
CA ALA B 9 -1.89 -17.91 -16.92
C ALA B 9 -3.29 -17.44 -16.66
N ALA B 10 -3.71 -17.54 -15.41
CA ALA B 10 -5.04 -17.17 -15.01
C ALA B 10 -5.01 -16.16 -13.86
N VAL B 11 -5.96 -15.24 -13.87
CA VAL B 11 -6.09 -14.25 -12.81
C VAL B 11 -7.52 -14.29 -12.37
N THR B 12 -7.77 -14.17 -11.07
CA THR B 12 -9.13 -14.27 -10.59
C THR B 12 -9.30 -13.59 -9.24
N LYS B 13 -10.48 -13.01 -9.05
CA LYS B 13 -10.78 -12.26 -7.83
C LYS B 13 -11.07 -13.21 -6.67
N PRO B 14 -10.66 -12.84 -5.45
CA PRO B 14 -10.80 -13.76 -4.31
C PRO B 14 -12.23 -14.22 -4.10
N GLY B 15 -12.44 -15.48 -3.75
CA GLY B 15 -13.78 -16.03 -3.59
C GLY B 15 -14.34 -16.68 -4.84
N ALA B 16 -13.67 -16.53 -5.97
CA ALA B 16 -14.13 -17.13 -7.22
C ALA B 16 -13.55 -18.54 -7.44
N SER B 17 -13.79 -19.06 -8.64
CA SER B 17 -13.29 -20.37 -9.02
C SER B 17 -12.38 -20.25 -10.22
N VAL B 18 -11.35 -21.08 -10.26
CA VAL B 18 -10.44 -21.07 -11.39
C VAL B 18 -10.21 -22.50 -11.84
N ARG B 19 -10.00 -22.66 -13.14
CA ARG B 19 -9.76 -23.96 -13.72
C ARG B 19 -8.43 -23.96 -14.45
N VAL B 20 -7.58 -24.94 -14.14
CA VAL B 20 -6.32 -25.15 -14.86
C VAL B 20 -6.42 -26.44 -15.66
N SER B 21 -6.00 -26.40 -16.91
CA SER B 21 -6.15 -27.55 -17.80
C SER B 21 -4.79 -28.12 -18.15
N CYS B 22 -4.78 -29.42 -18.42
CA CYS B 22 -3.57 -30.12 -18.80
C CYS B 22 -3.98 -31.05 -19.91
N GLU B 23 -3.45 -30.83 -21.10
CA GLU B 23 -3.69 -31.71 -22.23
C GLU B 23 -2.57 -32.75 -22.35
N ALA B 24 -2.94 -34.02 -22.27
CA ALA B 24 -1.98 -35.10 -22.40
C ALA B 24 -2.15 -35.83 -23.71
N SER B 25 -1.01 -36.21 -24.30
CA SER B 25 -1.01 -36.96 -25.54
C SER B 25 0.30 -37.70 -25.65
N GLY B 26 0.30 -38.81 -26.40
CA GLY B 26 1.55 -39.42 -26.84
C GLY B 26 1.90 -40.78 -26.26
N TYR B 27 0.90 -41.51 -25.77
CA TYR B 27 1.17 -42.78 -25.10
C TYR B 27 -0.10 -43.42 -24.55
N LYS B 28 0.07 -44.54 -23.88
CA LYS B 28 -1.04 -45.22 -23.26
C LYS B 28 -1.41 -44.45 -22.00
N ILE B 29 -2.16 -43.37 -22.20
CA ILE B 29 -2.53 -42.42 -21.14
C ILE B 29 -3.31 -43.05 -19.97
N SER B 30 -4.16 -44.00 -20.29
CA SER B 30 -4.93 -44.74 -19.31
C SER B 30 -4.04 -45.45 -18.29
N ASP B 31 -2.77 -45.58 -18.62
CA ASP B 31 -1.90 -46.45 -17.86
C ASP B 31 -1.15 -45.69 -16.78
N HIS B 32 -1.32 -44.38 -16.75
CA HIS B 32 -0.57 -43.60 -15.79
C HIS B 32 -1.40 -42.55 -15.08
N PHE B 33 -1.25 -42.51 -13.77
CA PHE B 33 -1.84 -41.48 -12.98
C PHE B 33 -1.29 -40.15 -13.40
N ILE B 34 -2.11 -39.14 -13.21
CA ILE B 34 -1.72 -37.76 -13.43
C ILE B 34 -1.79 -37.10 -12.08
N HIS B 35 -0.68 -36.53 -11.67
CA HIS B 35 -0.60 -35.77 -10.45
C HIS B 35 -0.58 -34.26 -10.70
N TRP B 36 -1.10 -33.52 -9.74
CA TRP B 36 -0.94 -32.08 -9.72
C TRP B 36 -0.11 -31.62 -8.55
N TRP B 37 0.82 -30.72 -8.87
CA TRP B 37 1.67 -30.06 -7.88
C TRP B 37 1.56 -28.55 -7.95
N ARG B 38 1.88 -27.89 -6.85
CA ARG B 38 1.83 -26.45 -6.86
C ARG B 38 3.04 -25.87 -6.17
N GLN B 39 3.49 -24.72 -6.69
CA GLN B 39 4.71 -24.07 -6.24
C GLN B 39 4.45 -22.59 -5.96
N ALA B 40 4.50 -22.22 -4.69
CA ALA B 40 4.37 -20.83 -4.31
C ALA B 40 5.71 -20.14 -4.54
N PRO B 41 5.66 -18.83 -4.81
CA PRO B 41 6.85 -18.03 -5.13
C PRO B 41 8.00 -18.27 -4.17
N GLY B 42 9.20 -18.47 -4.72
CA GLY B 42 10.36 -18.81 -3.92
C GLY B 42 10.02 -19.83 -2.85
N GLN B 43 9.60 -21.03 -3.28
CA GLN B 43 9.22 -22.09 -2.34
C GLN B 43 9.28 -23.44 -3.03
N GLY B 44 9.24 -24.51 -2.23
CA GLY B 44 9.29 -25.86 -2.76
C GLY B 44 7.93 -26.35 -3.23
N LEU B 45 7.94 -27.44 -3.98
CA LEU B 45 6.71 -28.02 -4.50
C LEU B 45 5.87 -28.62 -3.38
N GLN B 46 4.56 -28.56 -3.55
CA GLN B 46 3.63 -29.21 -2.63
C GLN B 46 2.66 -30.10 -3.39
N TRP B 47 2.41 -31.30 -2.87
CA TRP B 47 1.55 -32.20 -3.60
C TRP B 47 0.13 -31.66 -3.58
N VAL B 48 -0.58 -31.76 -4.68
CA VAL B 48 -1.98 -31.35 -4.63
C VAL B 48 -2.90 -32.56 -4.74
N GLY B 49 -2.59 -33.49 -5.63
CA GLY B 49 -3.41 -34.70 -5.69
C GLY B 49 -3.12 -35.58 -6.87
N TRP B 50 -3.76 -36.75 -6.94
CA TRP B 50 -3.70 -37.51 -8.19
C TRP B 50 -5.10 -37.81 -8.69
N ILE B 51 -5.15 -38.23 -9.96
CA ILE B 51 -6.37 -38.68 -10.59
C ILE B 51 -6.04 -39.85 -11.50
N ASN B 52 -6.93 -40.84 -11.52
CA ASN B 52 -6.80 -42.00 -12.39
C ASN B 52 -7.53 -41.79 -13.71
N PRO B 53 -6.80 -41.79 -14.82
CA PRO B 53 -7.38 -41.44 -16.12
C PRO B 53 -8.44 -42.44 -16.57
N LYS B 54 -8.24 -43.71 -16.21
CA LYS B 54 -9.18 -44.78 -16.54
C LYS B 54 -10.56 -44.54 -15.93
N THR B 55 -10.61 -44.23 -14.63
CA THR B 55 -11.86 -44.21 -13.87
C THR B 55 -12.31 -42.80 -13.48
N GLY B 56 -11.39 -41.84 -13.54
CA GLY B 56 -11.70 -40.48 -13.13
C GLY B 56 -11.64 -40.30 -11.62
N GLN B 57 -11.27 -41.37 -10.93
CA GLN B 57 -11.10 -41.33 -9.48
C GLN B 57 -9.92 -40.46 -9.04
N PRO B 58 -10.21 -39.42 -8.26
CA PRO B 58 -9.18 -38.57 -7.66
C PRO B 58 -8.75 -39.15 -6.29
N ASN B 59 -7.66 -38.68 -5.70
CA ASN B 59 -7.14 -39.37 -4.53
C ASN B 59 -8.01 -39.23 -3.27
N ASN B 60 -8.51 -38.03 -2.99
CA ASN B 60 -9.49 -37.84 -1.92
C ASN B 60 -10.91 -38.03 -2.46
N PRO B 61 -11.72 -38.82 -1.74
CA PRO B 61 -13.14 -38.95 -2.08
C PRO B 61 -13.89 -37.74 -1.55
N ARG B 62 -15.02 -37.35 -2.16
CA ARG B 62 -15.73 -36.12 -1.77
C ARG B 62 -15.49 -35.68 -0.32
N GLN B 63 -15.76 -36.57 0.64
CA GLN B 63 -15.67 -36.26 2.06
C GLN B 63 -14.30 -35.67 2.48
N PHE B 64 -13.33 -35.67 1.57
CA PHE B 64 -12.00 -35.17 1.90
C PHE B 64 -11.43 -34.16 0.89
N GLN B 65 -12.11 -34.00 -0.25
CA GLN B 65 -11.58 -33.19 -1.34
C GLN B 65 -11.36 -31.72 -0.96
N GLY B 66 -12.32 -31.13 -0.25
CA GLY B 66 -12.23 -29.72 0.13
C GLY B 66 -12.46 -28.77 -1.04
N ARG B 67 -11.49 -27.89 -1.27
CA ARG B 67 -11.66 -26.80 -2.23
C ARG B 67 -11.09 -27.09 -3.59
N VAL B 68 -10.54 -28.30 -3.77
CA VAL B 68 -9.92 -28.71 -5.02
C VAL B 68 -10.64 -29.92 -5.61
N SER B 69 -10.93 -29.90 -6.90
CA SER B 69 -11.52 -31.06 -7.53
C SER B 69 -10.82 -31.42 -8.85
N LEU B 70 -10.33 -32.65 -8.92
CA LEU B 70 -9.61 -33.13 -10.10
C LEU B 70 -10.54 -33.91 -11.02
N THR B 71 -10.52 -33.58 -12.30
CA THR B 71 -11.39 -34.25 -13.25
C THR B 71 -10.62 -34.60 -14.52
N ARG B 72 -11.22 -35.46 -15.34
CA ARG B 72 -10.67 -35.83 -16.62
C ARG B 72 -11.79 -35.80 -17.60
N GLN B 73 -11.46 -35.66 -18.87
CA GLN B 73 -12.41 -35.97 -19.91
C GLN B 73 -11.61 -36.68 -20.98
N ALA B 74 -12.05 -37.88 -21.33
CA ALA B 74 -11.36 -38.69 -22.31
C ALA B 74 -11.69 -38.24 -23.74
N SER B 75 -10.65 -37.87 -24.49
CA SER B 75 -10.79 -37.70 -25.93
C SER B 75 -10.90 -39.10 -26.50
N TRP B 76 -12.13 -39.50 -26.80
CA TRP B 76 -12.52 -40.90 -27.02
C TRP B 76 -11.60 -41.76 -27.88
N ASP B 77 -10.85 -41.14 -28.79
CA ASP B 77 -9.85 -41.88 -29.56
C ASP B 77 -8.83 -42.48 -28.59
N PHE B 78 -8.70 -41.83 -27.42
CA PHE B 78 -7.80 -42.23 -26.34
C PHE B 78 -6.35 -41.79 -26.61
N ASP B 79 -6.15 -41.13 -27.75
CA ASP B 79 -4.87 -40.52 -28.09
C ASP B 79 -4.70 -39.21 -27.31
N THR B 80 -5.82 -38.67 -26.81
CA THR B 80 -5.81 -37.42 -26.08
C THR B 80 -6.66 -37.48 -24.80
N TYR B 81 -6.23 -36.72 -23.80
CA TYR B 81 -7.00 -36.58 -22.58
C TYR B 81 -6.79 -35.17 -22.06
N SER B 82 -7.86 -34.55 -21.57
CA SER B 82 -7.75 -33.28 -20.88
C SER B 82 -7.96 -33.54 -19.39
N PHE B 83 -7.09 -32.97 -18.56
CA PHE B 83 -7.21 -33.07 -17.11
C PHE B 83 -7.40 -31.69 -16.48
N TYR B 84 -8.33 -31.61 -15.54
CA TYR B 84 -8.71 -30.33 -14.97
C TYR B 84 -8.40 -30.28 -13.49
N MET B 85 -8.02 -29.10 -13.04
CA MET B 85 -7.89 -28.81 -11.63
C MET B 85 -8.77 -27.63 -11.35
N ASP B 86 -9.88 -27.90 -10.67
CA ASP B 86 -10.80 -26.84 -10.31
C ASP B 86 -10.53 -26.42 -8.88
N LEU B 87 -10.46 -25.12 -8.68
CA LEU B 87 -10.18 -24.55 -7.38
C LEU B 87 -11.31 -23.62 -7.08
N LYS B 88 -12.07 -23.92 -6.05
CA LYS B 88 -13.21 -23.06 -5.71
C LYS B 88 -12.93 -22.16 -4.49
N ALA B 89 -13.61 -21.03 -4.42
CA ALA B 89 -13.48 -20.10 -3.28
C ALA B 89 -12.03 -19.64 -3.08
N VAL B 90 -11.39 -19.24 -4.17
CA VAL B 90 -9.95 -19.04 -4.11
C VAL B 90 -9.55 -17.97 -3.13
N ARG B 91 -8.28 -17.96 -2.77
CA ARG B 91 -7.77 -16.96 -1.86
C ARG B 91 -6.33 -16.68 -2.24
N SER B 92 -5.74 -15.65 -1.64
CA SER B 92 -4.34 -15.34 -1.88
C SER B 92 -3.41 -16.57 -1.73
N ASP B 93 -3.67 -17.41 -0.74
CA ASP B 93 -2.87 -18.64 -0.51
C ASP B 93 -2.65 -19.45 -1.78
N ASP B 94 -3.69 -19.51 -2.61
CA ASP B 94 -3.68 -20.31 -3.81
C ASP B 94 -2.77 -19.77 -4.91
N THR B 95 -2.27 -18.55 -4.76
CA THR B 95 -1.39 -17.95 -5.75
C THR B 95 -0.08 -18.73 -5.87
N ALA B 96 0.20 -19.23 -7.07
CA ALA B 96 1.27 -20.20 -7.29
C ALA B 96 1.30 -20.71 -8.73
N ILE B 97 2.39 -21.36 -9.09
CA ILE B 97 2.44 -22.13 -10.31
C ILE B 97 1.88 -23.54 -10.08
N TYR B 98 0.97 -23.96 -10.97
CA TYR B 98 0.43 -25.32 -10.90
C TYR B 98 0.96 -26.18 -12.03
N PHE B 99 1.54 -27.34 -11.68
CA PHE B 99 2.08 -28.28 -12.65
C PHE B 99 1.28 -29.57 -12.67
N CYS B 100 1.02 -30.10 -13.86
CA CYS B 100 0.54 -31.47 -13.96
C CYS B 100 1.77 -32.29 -14.26
N ALA B 101 1.76 -33.56 -13.88
CA ALA B 101 2.95 -34.38 -14.15
C ALA B 101 2.55 -35.84 -14.19
N ARG B 102 3.33 -36.63 -14.92
CA ARG B 102 2.99 -38.03 -15.14
C ARG B 102 3.76 -39.02 -14.23
N GLN B 103 3.01 -39.85 -13.50
CA GLN B 103 3.61 -40.85 -12.66
C GLN B 103 3.99 -42.04 -13.52
N ARG B 104 5.29 -42.29 -13.67
CA ARG B 104 5.70 -43.36 -14.56
C ARG B 104 5.46 -44.74 -13.95
N SER B 105 6.22 -45.06 -12.91
CA SER B 105 6.08 -46.32 -12.22
C SER B 105 5.04 -46.22 -11.10
N ASP B 106 4.81 -47.35 -10.42
CA ASP B 106 3.98 -47.38 -9.24
C ASP B 106 4.59 -46.57 -8.13
N PHE B 107 5.86 -46.18 -8.31
CA PHE B 107 6.62 -45.53 -7.22
C PHE B 107 6.89 -44.01 -7.34
N TRP B 108 6.07 -43.32 -8.14
CA TRP B 108 6.05 -41.86 -8.11
C TRP B 108 7.33 -41.15 -8.62
N ASP B 109 8.01 -41.74 -9.60
CA ASP B 109 8.97 -41.04 -10.46
C ASP B 109 8.22 -40.25 -11.52
N PHE B 110 8.44 -38.95 -11.54
CA PHE B 110 7.70 -38.09 -12.44
C PHE B 110 8.55 -37.62 -13.61
N ASP B 111 8.47 -38.38 -14.72
CA ASP B 111 9.35 -38.16 -15.88
C ASP B 111 8.88 -37.10 -16.87
N VAL B 112 7.59 -36.76 -16.86
CA VAL B 112 7.09 -35.67 -17.69
C VAL B 112 6.32 -34.61 -16.87
N TRP B 113 6.61 -33.35 -17.13
CA TRP B 113 5.92 -32.28 -16.45
C TRP B 113 5.32 -31.31 -17.44
N GLY B 114 4.18 -30.76 -17.07
CA GLY B 114 3.61 -29.64 -17.81
C GLY B 114 4.48 -28.43 -17.56
N SER B 115 4.31 -27.39 -18.35
CA SER B 115 5.19 -26.24 -18.27
C SER B 115 4.80 -25.38 -17.07
N GLY B 116 3.60 -25.60 -16.57
CA GLY B 116 3.10 -24.86 -15.43
C GLY B 116 2.16 -23.72 -15.76
N THR B 117 1.25 -23.44 -14.84
CA THR B 117 0.24 -22.42 -15.02
C THR B 117 0.19 -21.49 -13.81
N GLN B 118 0.53 -20.23 -14.01
CA GLN B 118 0.41 -19.24 -12.95
C GLN B 118 -1.05 -18.96 -12.60
N VAL B 119 -1.36 -19.03 -11.32
CA VAL B 119 -2.67 -18.63 -10.86
C VAL B 119 -2.46 -17.52 -9.87
N THR B 120 -2.88 -16.34 -10.27
CA THR B 120 -2.75 -15.15 -9.44
C THR B 120 -4.10 -14.72 -8.91
N VAL B 121 -4.27 -14.82 -7.60
CA VAL B 121 -5.50 -14.38 -6.95
C VAL B 121 -5.25 -13.05 -6.27
N SER B 122 -5.86 -12.00 -6.82
CA SER B 122 -5.68 -10.65 -6.30
C SER B 122 -7.02 -9.93 -6.20
N SER B 123 -7.10 -9.06 -5.19
CA SER B 123 -8.29 -8.24 -5.01
C SER B 123 -8.59 -7.36 -6.22
N ALA B 124 -7.53 -6.89 -6.90
CA ALA B 124 -7.68 -5.91 -7.96
C ALA B 124 -7.98 -6.48 -9.35
N SER B 125 -8.02 -5.58 -10.34
CA SER B 125 -8.23 -5.91 -11.74
C SER B 125 -7.44 -4.98 -12.69
N THR B 126 -7.54 -5.24 -14.00
CA THR B 126 -6.64 -4.66 -14.99
C THR B 126 -6.30 -3.18 -14.82
N LYS B 127 -5.00 -2.86 -14.91
CA LYS B 127 -4.53 -1.48 -14.98
C LYS B 127 -3.20 -1.40 -15.71
N GLY B 128 -3.13 -0.59 -16.76
CA GLY B 128 -1.86 -0.27 -17.37
C GLY B 128 -0.94 0.37 -16.35
N PRO B 129 0.38 0.24 -16.57
CA PRO B 129 1.37 0.76 -15.63
C PRO B 129 1.59 2.24 -15.83
N SER B 130 2.48 2.80 -15.03
CA SER B 130 2.84 4.19 -15.20
C SER B 130 4.34 4.26 -15.03
N VAL B 131 5.02 4.96 -15.93
CA VAL B 131 6.48 4.86 -16.05
C VAL B 131 7.19 6.17 -15.71
N PHE B 132 8.10 6.10 -14.74
CA PHE B 132 8.85 7.26 -14.30
C PHE B 132 10.33 7.05 -14.56
N PRO B 133 11.08 8.12 -14.85
CA PRO B 133 12.48 7.89 -15.24
C PRO B 133 13.44 7.80 -14.06
N LEU B 134 14.48 6.98 -14.19
CA LEU B 134 15.58 6.94 -13.23
C LEU B 134 16.77 7.70 -13.80
N ALA B 135 16.93 8.95 -13.42
CA ALA B 135 17.99 9.80 -13.95
C ALA B 135 19.28 9.76 -13.12
N PRO B 136 20.44 9.88 -13.80
CA PRO B 136 21.77 9.78 -13.19
C PRO B 136 22.11 10.94 -12.26
N THR B 145 31.60 5.71 -16.28
CA THR B 145 30.47 4.79 -16.18
C THR B 145 29.43 5.18 -15.12
N ALA B 146 28.19 5.42 -15.57
CA ALA B 146 27.06 5.63 -14.66
C ALA B 146 25.79 4.85 -15.05
N ALA B 147 24.74 4.96 -14.23
CA ALA B 147 23.51 4.16 -14.39
C ALA B 147 22.25 5.00 -14.65
N LEU B 148 21.32 4.44 -15.41
CA LEU B 148 20.02 5.09 -15.64
C LEU B 148 18.93 4.04 -15.81
N GLY B 149 17.67 4.43 -15.64
CA GLY B 149 16.59 3.45 -15.69
C GLY B 149 15.17 3.93 -15.88
N CYS B 150 14.24 3.05 -15.56
CA CYS B 150 12.82 3.34 -15.63
C CYS B 150 12.12 2.54 -14.52
N LEU B 151 11.27 3.22 -13.76
CA LEU B 151 10.46 2.52 -12.79
C LEU B 151 9.11 2.31 -13.43
N VAL B 152 8.72 1.06 -13.61
CA VAL B 152 7.40 0.72 -14.17
C VAL B 152 6.46 0.38 -13.02
N LYS B 153 5.61 1.34 -12.66
CA LYS B 153 4.88 1.28 -11.39
C LYS B 153 3.35 1.17 -11.49
N ASP B 154 2.79 0.39 -10.58
CA ASP B 154 1.34 0.24 -10.44
C ASP B 154 0.66 -0.26 -11.71
N TYR B 155 0.97 -1.49 -12.09
CA TYR B 155 0.26 -2.16 -13.16
C TYR B 155 -0.30 -3.50 -12.68
N PHE B 156 -1.07 -4.12 -13.57
CA PHE B 156 -1.75 -5.35 -13.25
C PHE B 156 -2.58 -5.77 -14.45
N PRO B 157 -2.51 -7.06 -14.78
CA PRO B 157 -1.65 -7.94 -14.01
C PRO B 157 -0.29 -8.01 -14.68
N GLU B 158 0.62 -8.79 -14.11
CA GLU B 158 1.84 -9.16 -14.81
C GLU B 158 1.39 -9.73 -16.14
N PRO B 159 2.23 -9.64 -17.17
CA PRO B 159 3.60 -9.12 -17.22
C PRO B 159 3.69 -7.82 -17.98
N VAL B 160 4.90 -7.25 -18.01
CA VAL B 160 5.22 -6.13 -18.89
C VAL B 160 6.53 -6.44 -19.58
N THR B 161 6.73 -5.88 -20.78
CA THR B 161 8.01 -6.04 -21.45
C THR B 161 8.68 -4.69 -21.61
N VAL B 162 9.97 -4.66 -21.30
CA VAL B 162 10.73 -3.43 -21.36
C VAL B 162 11.85 -3.62 -22.35
N SER B 163 11.98 -2.68 -23.27
CA SER B 163 13.15 -2.63 -24.14
C SER B 163 13.71 -1.21 -24.14
N TRP B 164 14.96 -1.04 -24.53
CA TRP B 164 15.55 0.29 -24.62
C TRP B 164 15.94 0.58 -26.07
N ASN B 165 15.61 1.78 -26.52
CA ASN B 165 15.85 2.16 -27.91
C ASN B 165 15.28 1.09 -28.83
N SER B 166 13.99 0.80 -28.66
CA SER B 166 13.31 -0.24 -29.40
C SER B 166 14.18 -1.46 -29.73
N GLY B 167 14.91 -1.95 -28.73
CA GLY B 167 15.62 -3.20 -28.86
C GLY B 167 17.05 -3.06 -29.32
N ALA B 168 17.43 -1.82 -29.62
CA ALA B 168 18.77 -1.50 -30.15
C ALA B 168 19.81 -1.47 -29.04
N LEU B 169 19.36 -1.31 -27.80
CA LEU B 169 20.24 -1.36 -26.64
C LEU B 169 19.88 -2.59 -25.80
N THR B 170 20.83 -3.51 -25.66
CA THR B 170 20.63 -4.71 -24.83
C THR B 170 21.74 -4.88 -23.80
N SER B 171 22.92 -4.37 -24.09
CA SER B 171 24.06 -4.56 -23.21
C SER B 171 24.07 -3.63 -22.01
N GLY B 172 24.14 -4.23 -20.82
CA GLY B 172 24.17 -3.48 -19.57
C GLY B 172 22.77 -3.37 -19.00
N VAL B 173 21.80 -3.87 -19.76
CA VAL B 173 20.41 -3.86 -19.35
C VAL B 173 20.11 -4.96 -18.33
N HIS B 174 19.60 -4.55 -17.17
CA HIS B 174 18.96 -5.46 -16.23
C HIS B 174 17.50 -5.07 -16.02
N THR B 175 16.60 -5.95 -16.44
CA THR B 175 15.18 -5.80 -16.12
C THR B 175 14.85 -6.72 -14.94
N PHE B 176 14.55 -6.14 -13.79
CA PHE B 176 14.34 -6.94 -12.58
C PHE B 176 12.97 -7.63 -12.52
N PRO B 177 12.88 -8.65 -11.66
CA PRO B 177 11.57 -9.24 -11.38
C PRO B 177 10.67 -8.22 -10.74
N ALA B 178 9.40 -8.24 -11.12
CA ALA B 178 8.44 -7.36 -10.48
C ALA B 178 8.21 -7.74 -9.01
N VAL B 179 8.15 -6.75 -8.14
CA VAL B 179 7.75 -7.01 -6.76
C VAL B 179 6.31 -6.59 -6.63
N LEU B 180 5.71 -6.99 -5.52
CA LEU B 180 4.32 -6.65 -5.28
C LEU B 180 4.20 -5.74 -4.08
N GLN B 181 3.24 -4.83 -4.14
CA GLN B 181 3.06 -3.83 -3.10
C GLN B 181 1.79 -4.09 -2.29
N SER B 182 1.69 -3.45 -1.14
CA SER B 182 0.49 -3.54 -0.32
C SER B 182 -0.66 -2.85 -1.05
N SER B 183 -0.29 -2.04 -2.03
CA SER B 183 -1.27 -1.54 -2.99
C SER B 183 -2.04 -2.72 -3.61
N GLY B 184 -1.36 -3.86 -3.75
CA GLY B 184 -1.93 -5.00 -4.44
C GLY B 184 -1.54 -5.04 -5.91
N LEU B 185 -0.76 -4.04 -6.33
CA LEU B 185 -0.28 -3.91 -7.72
C LEU B 185 1.24 -4.04 -7.81
N TYR B 186 1.74 -4.38 -8.99
CA TYR B 186 3.17 -4.66 -9.16
C TYR B 186 4.01 -3.45 -9.56
N SER B 187 5.27 -3.48 -9.14
CA SER B 187 6.25 -2.51 -9.58
C SER B 187 7.59 -3.18 -9.95
N LEU B 188 8.10 -2.87 -11.14
CA LEU B 188 9.40 -3.39 -11.51
C LEU B 188 10.23 -2.24 -12.03
N SER B 189 11.54 -2.44 -12.10
CA SER B 189 12.42 -1.43 -12.64
C SER B 189 13.37 -2.04 -13.66
N SER B 190 13.69 -1.26 -14.69
CA SER B 190 14.60 -1.72 -15.74
C SER B 190 15.78 -0.76 -15.83
N VAL B 191 17.00 -1.28 -15.82
CA VAL B 191 18.16 -0.40 -15.77
C VAL B 191 19.26 -0.72 -16.78
N VAL B 192 20.03 0.29 -17.14
CA VAL B 192 21.19 0.15 -18.02
C VAL B 192 22.36 0.90 -17.42
N THR B 193 23.56 0.39 -17.65
CA THR B 193 24.75 1.14 -17.31
C THR B 193 25.54 1.49 -18.56
N VAL B 194 26.14 2.67 -18.54
CA VAL B 194 26.80 3.24 -19.70
C VAL B 194 27.91 4.16 -19.20
N PRO B 195 28.97 4.34 -20.00
CA PRO B 195 30.12 5.15 -19.55
C PRO B 195 29.73 6.61 -19.29
N SER B 196 30.29 7.22 -18.24
CA SER B 196 29.87 8.56 -17.81
C SER B 196 29.69 9.55 -18.97
N SER B 197 30.33 9.25 -20.11
CA SER B 197 30.13 10.04 -21.31
C SER B 197 28.94 9.47 -22.07
N SER B 198 28.84 9.81 -23.36
CA SER B 198 27.81 9.25 -24.23
C SER B 198 26.39 9.71 -23.86
N LEU B 199 26.23 10.31 -22.68
CA LEU B 199 24.95 10.86 -22.22
C LEU B 199 24.34 11.86 -23.20
N GLY B 200 24.83 13.10 -23.14
CA GLY B 200 24.39 14.14 -24.04
C GLY B 200 24.39 13.70 -25.49
N THR B 201 25.14 12.64 -25.78
CA THR B 201 25.24 12.06 -27.12
C THR B 201 24.09 11.12 -27.47
N GLN B 202 23.61 10.36 -26.47
CA GLN B 202 22.64 9.31 -26.75
C GLN B 202 21.23 9.54 -26.18
N THR B 203 20.23 9.19 -26.98
CA THR B 203 18.84 9.34 -26.59
C THR B 203 18.34 8.03 -25.98
N TYR B 204 18.09 8.07 -24.67
CA TYR B 204 17.74 6.87 -23.91
C TYR B 204 16.25 6.77 -23.67
N ILE B 205 15.66 5.73 -24.25
CA ILE B 205 14.21 5.63 -24.34
C ILE B 205 13.73 4.22 -24.06
N CYS B 206 13.15 4.00 -22.88
CA CYS B 206 12.62 2.69 -22.59
C CYS B 206 11.20 2.60 -23.10
N ASN B 207 10.93 1.53 -23.84
CA ASN B 207 9.61 1.27 -24.38
C ASN B 207 8.99 0.15 -23.60
N VAL B 208 7.86 0.44 -22.99
CA VAL B 208 7.24 -0.44 -22.03
C VAL B 208 5.95 -0.93 -22.65
N ASN B 209 5.64 -2.21 -22.48
CA ASN B 209 4.37 -2.71 -22.95
C ASN B 209 3.63 -3.56 -21.95
N HIS B 210 2.31 -3.39 -21.91
CA HIS B 210 1.44 -4.13 -21.02
C HIS B 210 0.24 -4.61 -21.82
N LYS B 211 0.38 -5.78 -22.42
CA LYS B 211 -0.66 -6.34 -23.30
C LYS B 211 -2.08 -6.24 -22.76
N PRO B 212 -2.33 -6.85 -21.58
CA PRO B 212 -3.65 -6.85 -20.94
C PRO B 212 -4.46 -5.55 -21.08
N SER B 213 -3.77 -4.43 -21.28
CA SER B 213 -4.42 -3.13 -21.22
C SER B 213 -4.07 -2.25 -22.41
N ASN B 214 -3.64 -2.86 -23.51
CA ASN B 214 -3.18 -2.13 -24.69
C ASN B 214 -2.45 -0.84 -24.32
N THR B 215 -1.73 -0.88 -23.21
CA THR B 215 -0.87 0.23 -22.82
C THR B 215 0.47 0.03 -23.50
N LYS B 216 1.16 1.12 -23.84
CA LYS B 216 2.35 1.02 -24.67
C LYS B 216 3.18 2.27 -24.65
N VAL B 217 3.44 2.80 -23.46
CA VAL B 217 4.23 4.02 -23.31
C VAL B 217 5.68 3.85 -23.78
N ASP B 218 6.36 4.98 -23.98
CA ASP B 218 7.71 5.03 -24.48
C ASP B 218 8.39 6.26 -23.88
N LYS B 219 9.13 6.08 -22.78
CA LYS B 219 9.64 7.23 -22.01
C LYS B 219 11.15 7.44 -22.16
N ARG B 220 11.59 8.67 -21.93
CA ARG B 220 12.99 9.03 -22.16
C ARG B 220 13.66 9.64 -20.92
N VAL B 221 14.97 9.44 -20.81
CA VAL B 221 15.70 9.83 -19.61
C VAL B 221 16.84 10.81 -19.87
N VAL C 2 -27.71 37.19 2.90
CA VAL C 2 -26.43 37.16 2.18
C VAL C 2 -25.80 35.77 2.31
N HIS C 3 -25.77 35.04 1.20
CA HIS C 3 -25.54 33.60 1.31
C HIS C 3 -24.73 33.01 0.15
N LEU C 4 -23.95 31.97 0.48
CA LEU C 4 -23.08 31.27 -0.49
C LEU C 4 -23.21 29.76 -0.38
N SER C 5 -23.66 29.12 -1.44
CA SER C 5 -23.76 27.67 -1.43
C SER C 5 -22.81 27.07 -2.45
N GLN C 6 -22.02 26.09 -2.02
CA GLN C 6 -21.05 25.50 -2.91
C GLN C 6 -21.54 24.17 -3.44
N SER C 7 -20.93 23.73 -4.53
CA SER C 7 -21.22 22.41 -5.11
C SER C 7 -20.86 21.26 -4.16
N GLY C 8 -21.23 20.05 -4.55
CA GLY C 8 -20.93 18.87 -3.76
C GLY C 8 -19.54 18.33 -4.00
N ALA C 9 -19.14 17.36 -3.19
CA ALA C 9 -17.81 16.78 -3.24
C ALA C 9 -17.49 16.25 -4.61
N ALA C 10 -16.23 16.39 -5.01
CA ALA C 10 -15.79 15.98 -6.33
C ALA C 10 -14.59 15.03 -6.21
N VAL C 11 -14.54 14.05 -7.10
CA VAL C 11 -13.44 13.12 -7.16
C VAL C 11 -12.97 13.10 -8.59
N THR C 12 -11.65 13.04 -8.80
CA THR C 12 -11.15 13.08 -10.16
C THR C 12 -9.77 12.47 -10.28
N LYS C 13 -9.52 11.84 -11.42
CA LYS C 13 -8.26 11.13 -11.66
C LYS C 13 -7.15 12.13 -11.98
N PRO C 14 -5.92 11.85 -11.53
CA PRO C 14 -4.83 12.82 -11.70
C PRO C 14 -4.62 13.21 -13.16
N GLY C 15 -4.32 14.47 -13.42
CA GLY C 15 -4.16 14.95 -14.79
C GLY C 15 -5.44 15.51 -15.41
N ALA C 16 -6.58 15.33 -14.74
CA ALA C 16 -7.85 15.85 -15.25
C ALA C 16 -8.14 17.26 -14.77
N SER C 17 -9.36 17.72 -15.05
CA SER C 17 -9.82 19.03 -14.63
C SER C 17 -11.03 18.89 -13.74
N VAL C 18 -11.13 19.76 -12.76
CA VAL C 18 -12.27 19.74 -11.86
C VAL C 18 -12.81 21.16 -11.72
N ARG C 19 -14.12 21.27 -11.55
CA ARG C 19 -14.76 22.55 -11.38
C ARG C 19 -15.53 22.58 -10.06
N VAL C 20 -15.29 23.63 -9.27
CA VAL C 20 -16.03 23.88 -8.04
C VAL C 20 -16.89 25.11 -8.22
N SER C 21 -18.15 25.03 -7.82
CA SER C 21 -19.10 26.11 -8.04
C SER C 21 -19.50 26.74 -6.74
N CYS C 22 -19.84 28.02 -6.79
CA CYS C 22 -20.27 28.76 -5.63
C CYS C 22 -21.42 29.61 -6.11
N GLU C 23 -22.61 29.36 -5.59
CA GLU C 23 -23.79 30.17 -5.89
C GLU C 23 -23.98 31.26 -4.84
N ALA C 24 -23.95 32.51 -5.28
CA ALA C 24 -24.16 33.63 -4.38
C ALA C 24 -25.50 34.29 -4.61
N SER C 25 -26.13 34.69 -3.51
CA SER C 25 -27.40 35.39 -3.57
C SER C 25 -27.57 36.19 -2.31
N GLY C 26 -28.38 37.24 -2.38
CA GLY C 26 -28.87 37.91 -1.18
C GLY C 26 -28.38 39.31 -0.89
N TYR C 27 -27.90 40.02 -1.92
CA TYR C 27 -27.30 41.33 -1.71
C TYR C 27 -26.76 41.92 -3.00
N LYS C 28 -26.15 43.09 -2.88
CA LYS C 28 -25.54 43.74 -4.02
C LYS C 28 -24.23 43.00 -4.33
N ILE C 29 -24.37 41.88 -5.02
CA ILE C 29 -23.26 40.97 -5.31
C ILE C 29 -22.11 41.61 -6.11
N SER C 30 -22.46 42.50 -7.02
CA SER C 30 -21.50 43.24 -7.82
C SER C 30 -20.54 44.05 -6.95
N ASP C 31 -20.90 44.24 -5.70
CA ASP C 31 -20.20 45.19 -4.86
C ASP C 31 -19.10 44.54 -4.06
N HIS C 32 -19.00 43.22 -4.15
CA HIS C 32 -18.01 42.55 -3.33
C HIS C 32 -17.24 41.47 -4.10
N PHE C 33 -15.93 41.51 -3.91
CA PHE C 33 -15.07 40.50 -4.44
C PHE C 33 -15.43 39.18 -3.83
N ILE C 34 -15.17 38.13 -4.59
CA ILE C 34 -15.34 36.77 -4.12
C ILE C 34 -13.96 36.18 -4.14
N HIS C 35 -13.54 35.69 -2.98
CA HIS C 35 -12.28 35.01 -2.85
C HIS C 35 -12.46 33.49 -2.75
N TRP C 36 -11.45 32.77 -3.21
CA TRP C 36 -11.36 31.34 -2.97
C TRP C 36 -10.19 30.99 -2.09
N TRP C 37 -10.47 30.12 -1.12
CA TRP C 37 -9.46 29.57 -0.22
C TRP C 37 -9.45 28.06 -0.25
N ARG C 38 -8.33 27.47 0.12
CA ARG C 38 -8.27 26.03 0.15
C ARG C 38 -7.57 25.54 1.41
N GLN C 39 -8.04 24.40 1.91
CA GLN C 39 -7.57 23.85 3.17
C GLN C 39 -7.22 22.37 3.00
N ALA C 40 -5.93 22.07 3.10
CA ALA C 40 -5.48 20.70 3.05
C ALA C 40 -5.69 20.07 4.42
N PRO C 41 -5.90 18.74 4.44
CA PRO C 41 -6.20 18.00 5.66
C PRO C 41 -5.28 18.36 6.82
N GLY C 42 -5.86 18.59 7.99
CA GLY C 42 -5.09 19.04 9.14
C GLY C 42 -4.08 20.09 8.76
N GLN C 43 -4.55 21.23 8.28
CA GLN C 43 -3.67 22.32 7.86
C GLN C 43 -4.43 23.64 7.83
N GLY C 44 -3.68 24.74 7.75
CA GLY C 44 -4.28 26.06 7.70
C GLY C 44 -4.75 26.46 6.31
N LEU C 45 -5.56 27.51 6.25
CA LEU C 45 -6.08 27.99 4.99
C LEU C 45 -4.97 28.60 4.12
N GLN C 46 -5.11 28.47 2.81
CA GLN C 46 -4.21 29.10 1.87
C GLN C 46 -5.00 29.89 0.84
N TRP C 47 -4.55 31.10 0.53
CA TRP C 47 -5.30 31.93 -0.39
C TRP C 47 -5.22 31.30 -1.78
N VAL C 48 -6.31 31.30 -2.51
CA VAL C 48 -6.22 30.82 -3.89
C VAL C 48 -6.37 31.98 -4.87
N GLY C 49 -7.31 32.87 -4.64
CA GLY C 49 -7.42 34.03 -5.52
C GLY C 49 -8.65 34.87 -5.29
N TRP C 50 -8.75 35.99 -6.00
CA TRP C 50 -10.05 36.69 -6.01
C TRP C 50 -10.54 36.88 -7.42
N ILE C 51 -11.82 37.23 -7.53
CA ILE C 51 -12.46 37.59 -8.78
C ILE C 51 -13.43 38.71 -8.52
N ASN C 52 -13.49 39.65 -9.47
CA ASN C 52 -14.42 40.78 -9.41
C ASN C 52 -15.71 40.46 -10.15
N PRO C 53 -16.83 40.44 -9.44
CA PRO C 53 -18.10 39.99 -10.02
C PRO C 53 -18.58 40.90 -11.15
N LYS C 54 -18.29 42.20 -11.02
CA LYS C 54 -18.65 43.19 -12.02
C LYS C 54 -18.01 42.92 -13.37
N THR C 55 -16.70 42.67 -13.37
CA THR C 55 -15.91 42.62 -14.62
C THR C 55 -15.45 41.21 -14.97
N GLY C 56 -15.47 40.30 -14.00
CA GLY C 56 -14.99 38.95 -14.24
C GLY C 56 -13.47 38.85 -14.14
N GLN C 57 -12.84 39.97 -13.81
CA GLN C 57 -11.39 40.02 -13.63
C GLN C 57 -10.94 39.24 -12.40
N PRO C 58 -10.10 38.23 -12.61
CA PRO C 58 -9.47 37.47 -11.52
C PRO C 58 -8.15 38.15 -11.11
N ASN C 59 -7.55 37.77 -9.99
CA ASN C 59 -6.42 38.54 -9.48
C ASN C 59 -5.14 38.43 -10.31
N ASN C 60 -4.79 37.21 -10.74
CA ASN C 60 -3.70 37.02 -11.70
C ASN C 60 -4.21 37.11 -13.14
N PRO C 61 -3.53 37.89 -13.98
CA PRO C 61 -3.85 37.92 -15.41
C PRO C 61 -3.24 36.70 -16.08
N ARG C 62 -3.80 36.22 -17.18
CA ARG C 62 -3.34 34.97 -17.83
C ARG C 62 -1.88 34.63 -17.54
N GLN C 63 -0.97 35.55 -17.84
CA GLN C 63 0.47 35.32 -17.71
C GLN C 63 0.90 34.82 -16.31
N PHE C 64 -0.03 34.82 -15.36
CA PHE C 64 0.30 34.43 -13.99
C PHE C 64 -0.66 33.39 -13.39
N GLN C 65 -1.79 33.14 -14.08
CA GLN C 65 -2.84 32.30 -13.52
C GLN C 65 -2.39 30.86 -13.21
N GLY C 66 -1.63 30.26 -14.12
CA GLY C 66 -1.18 28.89 -13.95
C GLY C 66 -2.29 27.87 -14.14
N ARG C 67 -2.51 27.03 -13.14
CA ARG C 67 -3.40 25.88 -13.25
C ARG C 67 -4.79 26.13 -12.73
N VAL C 68 -5.03 27.35 -12.24
CA VAL C 68 -6.32 27.74 -11.68
C VAL C 68 -6.95 28.87 -12.46
N SER C 69 -8.24 28.76 -12.77
CA SER C 69 -8.91 29.86 -13.45
C SER C 69 -10.26 30.19 -12.79
N LEU C 70 -10.41 31.44 -12.35
CA LEU C 70 -11.63 31.90 -11.69
C LEU C 70 -12.57 32.57 -12.67
N THR C 71 -13.83 32.17 -12.66
CA THR C 71 -14.79 32.76 -13.57
C THR C 71 -16.10 33.07 -12.85
N ARG C 72 -17.04 33.70 -13.54
CA ARG C 72 -18.26 34.21 -12.92
C ARG C 72 -19.40 34.27 -13.94
N GLN C 73 -20.62 34.08 -13.47
CA GLN C 73 -21.83 34.29 -14.27
C GLN C 73 -22.98 34.94 -13.47
N ALA C 74 -23.30 36.21 -13.76
CA ALA C 74 -24.49 36.86 -13.16
C ALA C 74 -25.81 36.36 -13.75
N SER C 75 -26.82 36.25 -12.90
CA SER C 75 -28.19 36.03 -13.37
C SER C 75 -28.65 37.28 -14.10
N TRP C 76 -29.77 37.18 -14.79
CA TRP C 76 -30.33 38.29 -15.55
C TRP C 76 -30.60 39.51 -14.67
N ASP C 77 -31.18 39.27 -13.49
CA ASP C 77 -31.51 40.37 -12.59
C ASP C 77 -30.40 40.70 -11.59
N PHE C 78 -29.28 39.96 -11.63
CA PHE C 78 -28.13 40.22 -10.74
C PHE C 78 -28.34 39.84 -9.28
N ASP C 79 -29.46 39.20 -8.99
CA ASP C 79 -29.77 38.77 -7.63
C ASP C 79 -28.96 37.55 -7.21
N THR C 80 -28.58 36.75 -8.19
CA THR C 80 -27.78 35.56 -7.93
C THR C 80 -26.64 35.47 -8.94
N TYR C 81 -25.48 35.01 -8.49
CA TYR C 81 -24.36 34.78 -9.39
C TYR C 81 -23.83 33.37 -9.19
N SER C 82 -23.20 32.81 -10.20
CA SER C 82 -22.43 31.58 -10.01
C SER C 82 -20.95 31.90 -10.21
N PHE C 83 -20.11 31.43 -9.30
CA PHE C 83 -18.66 31.61 -9.40
C PHE C 83 -17.97 30.25 -9.51
N TYR C 84 -17.00 30.17 -10.41
CA TYR C 84 -16.36 28.90 -10.71
C TYR C 84 -14.88 28.94 -10.38
N MET C 85 -14.38 27.81 -9.92
CA MET C 85 -12.97 27.60 -9.76
C MET C 85 -12.61 26.40 -10.56
N ASP C 86 -11.93 26.63 -11.68
CA ASP C 86 -11.50 25.54 -12.53
C ASP C 86 -10.05 25.22 -12.22
N LEU C 87 -9.79 23.93 -12.07
CA LEU C 87 -8.45 23.46 -11.73
C LEU C 87 -8.09 22.48 -12.80
N LYS C 88 -7.05 22.79 -13.57
CA LYS C 88 -6.67 21.89 -14.65
C LYS C 88 -5.41 21.07 -14.29
N ALA C 89 -5.25 19.90 -14.92
CA ALA C 89 -4.08 19.05 -14.72
C ALA C 89 -3.88 18.68 -13.24
N VAL C 90 -4.95 18.26 -12.60
CA VAL C 90 -4.93 18.14 -11.14
C VAL C 90 -3.89 17.14 -10.67
N ARG C 91 -3.56 17.22 -9.39
CA ARG C 91 -2.60 16.30 -8.82
C ARG C 91 -2.99 16.08 -7.37
N SER C 92 -2.35 15.12 -6.71
CA SER C 92 -2.61 14.87 -5.29
C SER C 92 -2.53 16.15 -4.44
N ASP C 93 -1.58 17.04 -4.73
CA ASP C 93 -1.42 18.31 -4.00
C ASP C 93 -2.75 19.07 -3.84
N ASP C 94 -3.55 19.04 -4.90
CA ASP C 94 -4.80 19.77 -4.96
C ASP C 94 -5.90 19.22 -4.03
N THR C 95 -5.69 18.03 -3.47
CA THR C 95 -6.67 17.44 -2.56
C THR C 95 -6.84 18.29 -1.30
N ALA C 96 -8.08 18.73 -1.08
CA ALA C 96 -8.37 19.74 -0.05
C ALA C 96 -9.83 20.17 -0.09
N ILE C 97 -10.24 20.87 0.96
CA ILE C 97 -11.50 21.57 0.94
C ILE C 97 -11.34 22.97 0.31
N TYR C 98 -12.23 23.30 -0.62
CA TYR C 98 -12.21 24.60 -1.23
C TYR C 98 -13.40 25.45 -0.77
N PHE C 99 -13.13 26.65 -0.26
CA PHE C 99 -14.14 27.57 0.21
C PHE C 99 -14.21 28.80 -0.67
N CYS C 100 -15.42 29.26 -0.97
CA CYS C 100 -15.59 30.59 -1.52
C CYS C 100 -15.96 31.46 -0.35
N ALA C 101 -15.63 32.75 -0.42
CA ALA C 101 -15.96 33.61 0.71
C ALA C 101 -16.08 35.05 0.25
N ARG C 102 -16.86 35.85 0.97
CA ARG C 102 -17.14 37.21 0.54
C ARG C 102 -16.30 38.29 1.26
N GLN C 103 -15.61 39.11 0.48
CA GLN C 103 -14.84 40.20 1.04
C GLN C 103 -15.75 41.34 1.34
N ARG C 104 -15.94 41.65 2.61
CA ARG C 104 -16.89 42.70 2.95
C ARG C 104 -16.35 44.10 2.64
N SER C 105 -15.34 44.52 3.41
CA SER C 105 -14.70 45.80 3.20
C SER C 105 -13.57 45.70 2.18
N ASP C 106 -12.96 46.85 1.90
CA ASP C 106 -11.75 46.90 1.09
C ASP C 106 -10.62 46.18 1.78
N PHE C 107 -10.79 45.85 3.06
CA PHE C 107 -9.71 45.30 3.87
C PHE C 107 -9.74 43.79 4.22
N TRP C 108 -10.48 43.01 3.43
CA TRP C 108 -10.38 41.57 3.49
C TRP C 108 -10.89 40.90 4.80
N ASP C 109 -11.90 41.49 5.43
CA ASP C 109 -12.74 40.79 6.41
C ASP C 109 -13.75 39.91 5.68
N PHE C 110 -13.70 38.61 5.98
CA PHE C 110 -14.54 37.67 5.27
C PHE C 110 -15.70 37.19 6.12
N ASP C 111 -16.84 37.88 5.99
CA ASP C 111 -18.01 37.66 6.87
C ASP C 111 -18.95 36.51 6.43
N VAL C 112 -18.89 36.10 5.17
CA VAL C 112 -19.65 34.96 4.72
C VAL C 112 -18.76 33.89 4.02
N TRP C 113 -18.96 32.64 4.38
CA TRP C 113 -18.21 31.56 3.76
C TRP C 113 -19.14 30.52 3.20
N GLY C 114 -18.73 29.93 2.09
CA GLY C 114 -19.40 28.74 1.58
C GLY C 114 -19.09 27.59 2.53
N SER C 115 -19.84 26.50 2.40
CA SER C 115 -19.70 25.40 3.35
C SER C 115 -18.46 24.59 3.03
N GLY C 116 -17.95 24.77 1.81
CA GLY C 116 -16.76 24.07 1.38
C GLY C 116 -17.02 22.86 0.50
N THR C 117 -16.07 22.59 -0.38
CA THR C 117 -16.17 21.49 -1.33
C THR C 117 -14.92 20.63 -1.32
N GLN C 118 -15.07 19.38 -0.90
CA GLN C 118 -13.94 18.44 -0.95
C GLN C 118 -13.55 18.11 -2.39
N VAL C 119 -12.28 18.23 -2.69
CA VAL C 119 -11.78 17.78 -3.97
C VAL C 119 -10.73 16.74 -3.68
N THR C 120 -11.06 15.51 -4.04
CA THR C 120 -10.17 14.38 -3.83
C THR C 120 -9.60 13.90 -5.15
N VAL C 121 -8.29 14.05 -5.30
CA VAL C 121 -7.60 13.59 -6.49
C VAL C 121 -6.85 12.31 -6.15
N SER C 122 -7.34 11.20 -6.71
CA SER C 122 -6.76 9.89 -6.45
C SER C 122 -6.59 9.11 -7.74
N SER C 123 -5.55 8.29 -7.76
CA SER C 123 -5.29 7.41 -8.90
C SER C 123 -6.45 6.45 -9.17
N ALA C 124 -7.12 6.01 -8.11
CA ALA C 124 -8.14 4.97 -8.21
C ALA C 124 -9.55 5.45 -8.56
N SER C 125 -10.47 4.49 -8.57
CA SER C 125 -11.90 4.74 -8.83
C SER C 125 -12.81 3.81 -8.00
N THR C 126 -14.12 4.00 -8.13
CA THR C 126 -15.11 3.41 -7.21
C THR C 126 -14.87 1.97 -6.79
N LYS C 127 -14.96 1.71 -5.48
CA LYS C 127 -14.97 0.35 -4.93
C LYS C 127 -15.72 0.32 -3.61
N GLY C 128 -16.73 -0.54 -3.51
CA GLY C 128 -17.35 -0.82 -2.24
C GLY C 128 -16.31 -1.36 -1.26
N PRO C 129 -16.56 -1.17 0.04
CA PRO C 129 -15.62 -1.59 1.08
C PRO C 129 -15.74 -3.06 1.36
N SER C 130 -14.93 -3.53 2.30
CA SER C 130 -15.04 -4.91 2.74
C SER C 130 -14.89 -4.88 4.25
N VAL C 131 -15.77 -5.59 4.95
CA VAL C 131 -15.92 -5.41 6.39
C VAL C 131 -15.53 -6.67 7.18
N PHE C 132 -14.59 -6.49 8.10
CA PHE C 132 -14.09 -7.59 8.93
C PHE C 132 -14.40 -7.30 10.39
N PRO C 133 -14.66 -8.34 11.19
CA PRO C 133 -15.07 -8.06 12.57
C PRO C 133 -13.92 -7.86 13.55
N LEU C 134 -14.11 -6.99 14.53
CA LEU C 134 -13.18 -6.85 15.65
C LEU C 134 -13.73 -7.56 16.86
N ALA C 135 -13.28 -8.79 17.10
CA ALA C 135 -13.79 -9.60 18.20
C ALA C 135 -12.99 -9.45 19.50
N PRO C 136 -13.68 -9.54 20.64
CA PRO C 136 -13.11 -9.32 21.99
C PRO C 136 -12.13 -10.42 22.40
N THR C 145 -16.59 -4.90 31.51
CA THR C 145 -16.51 -4.03 30.34
C THR C 145 -15.42 -4.42 29.33
N ALA C 146 -15.83 -4.75 28.11
CA ALA C 146 -14.89 -4.99 27.01
C ALA C 146 -15.30 -4.29 25.68
N ALA C 147 -14.45 -4.41 24.66
CA ALA C 147 -14.62 -3.70 23.39
C ALA C 147 -14.82 -4.61 22.17
N LEU C 148 -15.60 -4.15 21.19
CA LEU C 148 -15.76 -4.88 19.94
C LEU C 148 -15.97 -3.90 18.78
N GLY C 149 -15.76 -4.34 17.55
CA GLY C 149 -15.83 -3.44 16.42
C GLY C 149 -15.97 -4.01 15.03
N CYS C 150 -15.67 -3.15 14.05
CA CYS C 150 -15.70 -3.52 12.64
C CYS C 150 -14.63 -2.72 11.92
N LEU C 151 -13.81 -3.40 11.13
CA LEU C 151 -12.86 -2.69 10.30
C LEU C 151 -13.49 -2.59 8.91
N VAL C 152 -13.73 -1.37 8.46
CA VAL C 152 -14.27 -1.15 7.13
C VAL C 152 -13.13 -0.79 6.18
N LYS C 153 -12.70 -1.77 5.39
CA LYS C 153 -11.42 -1.69 4.67
C LYS C 153 -11.50 -1.67 3.14
N ASP C 154 -10.62 -0.87 2.55
CA ASP C 154 -10.47 -0.80 1.09
C ASP C 154 -11.75 -0.40 0.37
N TYR C 155 -12.19 0.82 0.61
CA TYR C 155 -13.28 1.40 -0.16
C TYR C 155 -12.86 2.72 -0.79
N PHE C 156 -13.76 3.25 -1.60
CA PHE C 156 -13.49 4.46 -2.35
C PHE C 156 -14.70 4.77 -3.21
N PRO C 157 -15.10 6.03 -3.21
CA PRO C 157 -14.39 7.01 -2.40
C PRO C 157 -15.09 7.11 -1.06
N GLU C 158 -14.58 7.97 -0.18
CA GLU C 158 -15.32 8.37 1.00
C GLU C 158 -16.66 8.85 0.51
N PRO C 159 -17.71 8.75 1.33
CA PRO C 159 -17.76 8.32 2.72
C PRO C 159 -18.45 6.97 2.88
N VAL C 160 -18.48 6.47 4.12
CA VAL C 160 -19.30 5.33 4.48
C VAL C 160 -20.03 5.66 5.76
N THR C 161 -21.20 5.07 5.97
CA THR C 161 -21.90 5.25 7.23
C THR C 161 -22.01 3.94 7.98
N VAL C 162 -21.72 3.99 9.27
CA VAL C 162 -21.73 2.81 10.10
C VAL C 162 -22.75 3.01 11.18
N SER C 163 -23.62 2.02 11.36
CA SER C 163 -24.52 2.00 12.51
C SER C 163 -24.46 0.61 13.15
N TRP C 164 -24.85 0.50 14.40
CA TRP C 164 -24.89 -0.80 15.06
C TRP C 164 -26.32 -1.16 15.44
N ASN C 165 -26.72 -2.39 15.17
CA ASN C 165 -28.09 -2.83 15.39
C ASN C 165 -29.05 -1.83 14.76
N SER C 166 -28.86 -1.62 13.47
CA SER C 166 -29.65 -0.65 12.71
C SER C 166 -30.06 0.59 13.51
N GLY C 167 -29.10 1.17 14.22
CA GLY C 167 -29.31 2.46 14.87
C GLY C 167 -29.78 2.36 16.29
N ALA C 168 -30.02 1.14 16.74
CA ALA C 168 -30.55 0.87 18.08
C ALA C 168 -29.47 0.95 19.14
N LEU C 169 -28.22 0.83 18.71
CA LEU C 169 -27.09 0.99 19.62
C LEU C 169 -26.30 2.25 19.20
N THR C 170 -26.21 3.22 20.10
CA THR C 170 -25.47 4.44 19.85
C THR C 170 -24.45 4.73 20.96
N SER C 171 -24.74 4.27 22.17
CA SER C 171 -23.89 4.57 23.31
C SER C 171 -22.64 3.70 23.38
N GLY C 172 -21.49 4.36 23.44
CA GLY C 172 -20.20 3.69 23.53
C GLY C 172 -19.60 3.54 22.15
N VAL C 173 -20.37 3.94 21.15
CA VAL C 173 -19.93 3.87 19.77
C VAL C 173 -18.97 5.00 19.42
N HIS C 174 -17.79 4.62 18.95
CA HIS C 174 -16.87 5.55 18.27
C HIS C 174 -16.62 5.10 16.85
N THR C 175 -17.06 5.90 15.88
CA THR C 175 -16.71 5.68 14.49
C THR C 175 -15.58 6.65 14.12
N PHE C 176 -14.39 6.12 13.88
CA PHE C 176 -13.22 6.96 13.65
C PHE C 176 -13.16 7.58 12.24
N PRO C 177 -12.36 8.64 12.10
CA PRO C 177 -12.08 9.17 10.77
C PRO C 177 -11.37 8.14 9.94
N ALA C 178 -11.72 8.06 8.67
CA ALA C 178 -11.02 7.17 7.76
C ALA C 178 -9.58 7.62 7.53
N VAL C 179 -8.65 6.66 7.55
CA VAL C 179 -7.29 6.97 7.16
C VAL C 179 -7.10 6.48 5.74
N LEU C 180 -6.00 6.90 5.13
CA LEU C 180 -5.72 6.51 3.77
C LEU C 180 -4.47 5.66 3.72
N GLN C 181 -4.47 4.69 2.82
CA GLN C 181 -3.38 3.74 2.71
C GLN C 181 -2.56 3.98 1.43
N SER C 182 -1.37 3.39 1.39
CA SER C 182 -0.53 3.46 0.20
C SER C 182 -1.20 2.67 -0.91
N SER C 183 -2.15 1.83 -0.53
CA SER C 183 -3.06 1.23 -1.48
C SER C 183 -3.72 2.32 -2.32
N GLY C 184 -3.94 3.49 -1.72
CA GLY C 184 -4.68 4.56 -2.36
C GLY C 184 -6.15 4.54 -2.00
N LEU C 185 -6.54 3.56 -1.17
CA LEU C 185 -7.92 3.40 -0.71
C LEU C 185 -8.04 3.60 0.80
N TYR C 186 -9.25 3.90 1.26
CA TYR C 186 -9.47 4.25 2.67
C TYR C 186 -9.82 3.08 3.58
N SER C 187 -9.42 3.20 4.84
CA SER C 187 -9.84 2.26 5.86
C SER C 187 -10.27 2.98 7.16
N LEU C 188 -11.45 2.64 7.66
CA LEU C 188 -11.87 3.20 8.93
C LEU C 188 -12.35 2.09 9.81
N SER C 189 -12.45 2.34 11.10
CA SER C 189 -12.97 1.36 12.03
C SER C 189 -14.03 1.96 12.92
N SER C 190 -15.02 1.16 13.28
CA SER C 190 -16.11 1.61 14.14
C SER C 190 -16.17 0.71 15.37
N VAL C 191 -16.21 1.30 16.56
CA VAL C 191 -16.14 0.49 17.77
C VAL C 191 -17.19 0.82 18.82
N VAL C 192 -17.51 -0.18 19.66
CA VAL C 192 -18.41 -0.01 20.79
C VAL C 192 -17.80 -0.66 22.00
N THR C 193 -18.08 -0.11 23.17
CA THR C 193 -17.71 -0.77 24.41
C THR C 193 -18.97 -1.14 25.19
N VAL C 194 -18.89 -2.28 25.86
CA VAL C 194 -20.04 -2.87 26.54
C VAL C 194 -19.51 -3.71 27.69
N PRO C 195 -20.33 -3.87 28.75
CA PRO C 195 -19.86 -4.58 29.96
C PRO C 195 -19.51 -6.05 29.65
N SER C 196 -18.44 -6.57 30.26
CA SER C 196 -17.94 -7.92 29.94
C SER C 196 -19.04 -8.97 29.79
N SER C 197 -20.21 -8.70 30.38
CA SER C 197 -21.37 -9.55 30.20
C SER C 197 -22.14 -9.09 28.98
N SER C 198 -23.40 -9.49 28.88
CA SER C 198 -24.28 -9.05 27.80
C SER C 198 -23.85 -9.57 26.41
N LEU C 199 -22.64 -10.11 26.31
CA LEU C 199 -22.14 -10.72 25.06
C LEU C 199 -23.04 -11.80 24.51
N GLY C 200 -22.93 -13.00 25.06
CA GLY C 200 -23.77 -14.11 24.67
C GLY C 200 -25.24 -13.74 24.62
N THR C 201 -25.60 -12.65 25.31
CA THR C 201 -26.97 -12.14 25.35
C THR C 201 -27.33 -11.28 24.14
N GLN C 202 -26.38 -10.50 23.63
CA GLN C 202 -26.69 -9.52 22.59
C GLN C 202 -26.08 -9.81 21.22
N THR C 203 -26.88 -9.55 20.19
CA THR C 203 -26.45 -9.75 18.81
C THR C 203 -25.90 -8.44 18.26
N TYR C 204 -24.59 -8.43 18.03
CA TYR C 204 -23.89 -7.21 17.63
C TYR C 204 -23.63 -7.18 16.15
N ILE C 205 -24.24 -6.20 15.49
CA ILE C 205 -24.31 -6.19 14.03
C ILE C 205 -24.10 -4.79 13.47
N CYS C 206 -22.92 -4.54 12.91
CA CYS C 206 -22.68 -3.26 12.30
C CYS C 206 -23.18 -3.27 10.87
N ASN C 207 -23.96 -2.26 10.52
CA ASN C 207 -24.49 -2.10 9.19
C ASN C 207 -23.75 -0.97 8.53
N VAL C 208 -23.11 -1.29 7.41
CA VAL C 208 -22.19 -0.41 6.77
C VAL C 208 -22.80 -0.01 5.44
N ASN C 209 -22.68 1.26 5.06
CA ASN C 209 -23.17 1.66 3.75
C ASN C 209 -22.19 2.51 2.98
N HIS C 210 -22.12 2.28 1.69
CA HIS C 210 -21.25 3.01 0.79
C HIS C 210 -22.04 3.38 -0.46
N LYS C 211 -22.71 4.53 -0.39
CA LYS C 211 -23.61 4.98 -1.46
C LYS C 211 -23.03 4.84 -2.88
N PRO C 212 -21.87 5.49 -3.14
CA PRO C 212 -21.21 5.45 -4.45
C PRO C 212 -21.28 4.11 -5.18
N SER C 213 -21.43 3.01 -4.44
CA SER C 213 -21.29 1.68 -5.01
C SER C 213 -22.44 0.76 -4.64
N ASN C 214 -23.58 1.35 -4.26
CA ASN C 214 -24.72 0.57 -3.78
C ASN C 214 -24.30 -0.66 -2.97
N THR C 215 -23.21 -0.51 -2.23
CA THR C 215 -22.78 -1.55 -1.31
C THR C 215 -23.49 -1.31 0.02
N LYS C 216 -23.80 -2.39 0.75
CA LYS C 216 -24.65 -2.25 1.92
C LYS C 216 -24.58 -3.48 2.83
N VAL C 217 -23.37 -3.92 3.12
CA VAL C 217 -23.17 -5.08 3.99
C VAL C 217 -23.68 -4.85 5.42
N ASP C 218 -23.83 -5.96 6.15
CA ASP C 218 -24.36 -5.96 7.50
C ASP C 218 -23.71 -7.12 8.25
N LYS C 219 -22.63 -6.84 8.99
CA LYS C 219 -21.81 -7.91 9.59
C LYS C 219 -21.98 -8.06 11.10
N ARG C 220 -21.70 -9.24 11.62
CA ARG C 220 -21.94 -9.53 13.04
C ARG C 220 -20.68 -10.03 13.74
N VAL C 221 -20.59 -9.76 15.05
CA VAL C 221 -19.39 -10.05 15.83
C VAL C 221 -19.63 -10.98 17.01
N GLN D 3 5.61 40.05 10.39
CA GLN D 3 5.73 38.63 10.09
C GLN D 3 5.01 37.78 11.14
N MET D 4 3.86 37.22 10.74
CA MET D 4 2.83 36.82 11.68
C MET D 4 2.85 35.39 12.29
N THR D 5 2.83 35.37 13.62
CA THR D 5 2.81 34.12 14.37
C THR D 5 1.60 34.08 15.29
N GLN D 6 1.21 32.87 15.70
CA GLN D 6 0.18 32.75 16.73
C GLN D 6 0.61 31.88 17.90
N SER D 7 0.15 32.23 19.10
CA SER D 7 0.46 31.48 20.30
C SER D 7 -0.77 31.37 21.23
N PRO D 8 -1.00 30.16 21.79
CA PRO D 8 -0.22 28.93 21.57
C PRO D 8 -0.91 28.03 20.57
N SER D 9 -0.40 26.81 20.39
CA SER D 9 -0.93 25.91 19.36
C SER D 9 -2.13 25.11 19.84
N SER D 10 -2.20 24.90 21.17
CA SER D 10 -3.30 24.20 21.83
C SER D 10 -3.68 24.86 23.14
N LEU D 11 -4.99 25.01 23.36
CA LEU D 11 -5.53 25.44 24.64
C LEU D 11 -6.64 24.53 25.15
N SER D 12 -6.57 24.19 26.43
CA SER D 12 -7.67 23.55 27.13
C SER D 12 -8.17 24.50 28.19
N ALA D 13 -9.47 24.73 28.24
CA ALA D 13 -10.00 25.52 29.34
C ALA D 13 -11.32 25.02 29.88
N ARG D 14 -11.59 25.41 31.11
CA ARG D 14 -12.78 24.99 31.81
C ARG D 14 -13.97 25.86 31.36
N VAL D 15 -15.17 25.31 31.37
CA VAL D 15 -16.34 26.16 31.12
C VAL D 15 -16.42 27.32 32.16
N GLY D 16 -16.73 28.53 31.71
CA GLY D 16 -16.78 29.65 32.64
C GLY D 16 -15.46 30.39 32.84
N ASP D 17 -14.39 29.83 32.32
CA ASP D 17 -13.09 30.46 32.39
C ASP D 17 -12.87 31.42 31.20
N THR D 18 -11.72 32.08 31.22
CA THR D 18 -11.38 33.07 30.22
C THR D 18 -10.10 32.61 29.51
N VAL D 19 -10.09 32.65 28.19
CA VAL D 19 -8.88 32.33 27.45
C VAL D 19 -8.47 33.47 26.53
N THR D 20 -7.16 33.55 26.29
CA THR D 20 -6.59 34.58 25.45
C THR D 20 -5.70 33.96 24.37
N ILE D 21 -5.83 34.43 23.14
CA ILE D 21 -5.01 33.93 22.06
C ILE D 21 -4.33 35.11 21.39
N THR D 22 -3.03 35.00 21.15
CA THR D 22 -2.23 36.10 20.61
C THR D 22 -1.70 35.86 19.18
N CYS D 23 -1.81 36.87 18.32
CA CYS D 23 -0.99 36.92 17.09
C CYS D 23 0.00 38.06 17.12
N GLN D 24 1.10 37.86 16.42
CA GLN D 24 2.02 38.95 16.11
C GLN D 24 1.77 39.27 14.66
N ALA D 25 1.39 40.52 14.38
CA ALA D 25 1.17 40.92 13.00
C ALA D 25 1.05 42.44 12.77
N ASN D 26 0.66 42.83 11.56
CA ASN D 26 0.59 44.23 11.17
C ASN D 26 -0.60 44.38 10.23
N GLY D 27 -1.33 45.48 10.34
CA GLY D 27 -2.44 45.75 9.44
C GLY D 27 -3.86 45.61 9.98
N TYR D 28 -4.78 45.49 9.04
CA TYR D 28 -6.19 45.23 9.34
C TYR D 28 -6.38 43.74 9.59
N LEU D 29 -6.50 43.36 10.85
CA LEU D 29 -6.52 41.96 11.24
C LEU D 29 -7.91 41.42 11.66
N ASN D 30 -8.22 40.21 11.25
CA ASN D 30 -9.47 39.60 11.63
C ASN D 30 -9.28 38.25 12.31
N TRP D 31 -10.15 37.94 13.26
CA TRP D 31 -10.16 36.66 13.94
C TRP D 31 -11.37 35.83 13.53
N TYR D 32 -11.11 34.56 13.26
CA TYR D 32 -12.17 33.61 12.90
C TYR D 32 -12.23 32.39 13.81
N GLN D 33 -13.43 31.81 13.89
CA GLN D 33 -13.67 30.58 14.61
C GLN D 33 -13.98 29.57 13.55
N GLN D 34 -13.41 28.38 13.70
CA GLN D 34 -13.65 27.32 12.73
C GLN D 34 -13.84 25.98 13.41
N ARG D 35 -15.03 25.42 13.22
CA ARG D 35 -15.41 24.14 13.80
C ARG D 35 -14.97 23.04 12.89
N ARG D 36 -13.93 22.38 13.34
CA ARG D 36 -13.65 21.01 13.02
C ARG D 36 -14.72 20.46 12.10
N GLY D 37 -14.50 20.58 10.79
CA GLY D 37 -15.44 20.06 9.82
C GLY D 37 -16.31 21.10 9.13
N LYS D 38 -16.01 22.38 9.37
CA LYS D 38 -16.91 23.44 8.92
C LYS D 38 -16.19 24.67 8.34
N ALA D 39 -16.97 25.64 7.90
CA ALA D 39 -16.45 26.90 7.37
C ALA D 39 -16.18 27.91 8.48
N PRO D 40 -15.20 28.79 8.26
CA PRO D 40 -14.87 29.78 9.29
C PRO D 40 -16.07 30.64 9.60
N LYS D 41 -16.02 31.29 10.76
CA LYS D 41 -17.00 32.26 11.19
C LYS D 41 -16.28 33.50 11.72
N LEU D 42 -16.67 34.69 11.23
CA LEU D 42 -15.98 35.91 11.63
C LEU D 42 -16.37 36.28 13.05
N LEU D 43 -15.37 36.44 13.92
CA LEU D 43 -15.60 36.89 15.31
C LEU D 43 -15.25 38.34 15.51
N ILE D 44 -14.07 38.74 15.07
CA ILE D 44 -13.67 40.15 15.20
C ILE D 44 -13.04 40.68 13.93
N TYR D 45 -13.42 41.86 13.52
CA TYR D 45 -12.75 42.46 12.39
C TYR D 45 -12.00 43.71 12.80
N ASP D 46 -10.91 43.98 12.09
CA ASP D 46 -10.14 45.19 12.30
C ASP D 46 -9.72 45.33 13.77
N GLY D 47 -9.13 44.27 14.29
CA GLY D 47 -8.50 44.32 15.58
C GLY D 47 -9.43 44.05 16.73
N SER D 48 -10.59 44.69 16.75
CA SER D 48 -11.32 44.83 18.00
C SER D 48 -12.80 45.08 17.81
N LYS D 49 -13.21 45.27 16.57
CA LYS D 49 -14.62 45.37 16.26
C LYS D 49 -15.29 44.00 16.29
N LEU D 50 -16.31 43.90 17.13
CA LEU D 50 -17.06 42.66 17.27
C LEU D 50 -18.06 42.51 16.15
N GLU D 51 -18.01 41.37 15.48
CA GLU D 51 -18.88 41.17 14.35
C GLU D 51 -20.35 41.01 14.80
N ARG D 52 -21.25 41.77 14.17
CA ARG D 52 -22.69 41.63 14.38
C ARG D 52 -23.10 40.20 14.61
N GLY D 53 -23.87 39.96 15.68
CA GLY D 53 -24.40 38.64 15.98
C GLY D 53 -23.47 37.76 16.78
N VAL D 54 -22.38 38.28 17.30
CA VAL D 54 -21.47 37.43 18.04
C VAL D 54 -21.44 37.89 19.49
N PRO D 55 -21.49 36.94 20.43
CA PRO D 55 -21.65 37.34 21.83
C PRO D 55 -20.55 38.26 22.25
N ALA D 56 -20.91 39.27 23.03
CA ALA D 56 -19.94 40.22 23.58
C ALA D 56 -18.92 39.60 24.53
N ARG D 57 -19.02 38.30 24.78
CA ARG D 57 -17.96 37.66 25.54
C ARG D 57 -16.74 37.41 24.65
N PHE D 58 -16.84 37.73 23.35
CA PHE D 58 -15.67 37.84 22.47
C PHE D 58 -15.19 39.28 22.35
N SER D 59 -13.88 39.50 22.36
CA SER D 59 -13.31 40.84 22.13
C SER D 59 -11.86 40.81 21.70
N GLY D 60 -11.37 41.93 21.19
CA GLY D 60 -10.03 41.94 20.64
C GLY D 60 -9.31 43.23 20.97
N ARG D 61 -8.03 43.10 21.29
CA ARG D 61 -7.18 44.24 21.67
C ARG D 61 -5.94 44.30 20.78
N ARG D 62 -5.73 45.42 20.12
CA ARG D 62 -4.44 45.64 19.47
C ARG D 62 -3.52 46.48 20.37
N TRP D 63 -2.25 46.11 20.44
CA TRP D 63 -1.29 47.03 20.99
C TRP D 63 0.01 46.78 20.24
N GLY D 64 0.34 47.70 19.33
CA GLY D 64 1.51 47.56 18.47
C GLY D 64 1.33 46.41 17.49
N GLN D 65 2.18 45.41 17.60
CA GLN D 65 2.12 44.28 16.69
C GLN D 65 1.43 43.09 17.33
N GLU D 66 0.92 43.31 18.52
CA GLU D 66 0.26 42.27 19.31
C GLU D 66 -1.26 42.38 19.18
N TYR D 67 -1.90 41.31 18.75
CA TYR D 67 -3.35 41.29 18.77
C TYR D 67 -3.82 40.16 19.67
N ASN D 68 -4.57 40.50 20.71
CA ASN D 68 -5.18 39.45 21.54
C ASN D 68 -6.59 39.31 21.08
N LEU D 69 -7.03 38.05 20.98
CA LEU D 69 -8.44 37.67 21.00
C LEU D 69 -8.74 37.10 22.39
N THR D 70 -9.76 37.62 23.03
CA THR D 70 -10.16 37.13 24.34
C THR D 70 -11.59 36.58 24.33
N ILE D 71 -11.77 35.37 24.87
CA ILE D 71 -13.06 34.77 25.11
C ILE D 71 -13.28 34.65 26.56
N ASN D 72 -14.28 35.33 27.03
CA ASN D 72 -14.69 35.37 28.40
C ASN D 72 -15.80 34.42 28.68
N ASN D 73 -15.87 33.89 29.87
CA ASN D 73 -16.94 33.02 30.23
C ASN D 73 -17.07 31.91 29.25
N LEU D 74 -15.97 31.30 28.94
CA LEU D 74 -15.95 30.24 27.94
C LEU D 74 -17.14 29.25 28.03
N GLN D 75 -17.73 28.97 26.87
CA GLN D 75 -18.86 28.07 26.75
C GLN D 75 -18.52 26.83 25.88
N PRO D 76 -19.28 25.73 26.05
CA PRO D 76 -19.12 24.44 25.33
C PRO D 76 -19.12 24.55 23.80
N GLU D 77 -19.79 25.56 23.28
CA GLU D 77 -19.86 25.79 21.85
C GLU D 77 -18.62 26.56 21.36
N ASP D 78 -17.73 26.94 22.28
CA ASP D 78 -16.52 27.67 21.90
C ASP D 78 -15.37 26.75 21.49
N VAL D 79 -15.63 25.46 21.56
CA VAL D 79 -14.62 24.48 21.23
C VAL D 79 -14.44 24.45 19.73
N ALA D 80 -13.26 24.91 19.30
CA ALA D 80 -12.94 25.06 17.88
C ALA D 80 -11.50 25.46 17.68
N THR D 81 -11.15 25.81 16.46
CA THR D 81 -9.84 26.37 16.17
C THR D 81 -10.05 27.83 15.91
N TYR D 82 -9.15 28.66 16.42
CA TYR D 82 -9.23 30.10 16.19
C TYR D 82 -8.02 30.59 15.39
N PHE D 83 -8.23 31.50 14.46
CA PHE D 83 -7.09 32.08 13.75
C PHE D 83 -7.22 33.54 13.34
N CYS D 84 -6.06 34.20 13.20
CA CYS D 84 -6.03 35.58 12.72
C CYS D 84 -5.61 35.62 11.27
N GLN D 85 -5.94 36.71 10.60
CA GLN D 85 -5.78 36.80 9.17
C GLN D 85 -5.54 38.23 8.78
N VAL D 86 -4.53 38.46 7.95
CA VAL D 86 -4.27 39.79 7.41
C VAL D 86 -4.12 39.61 5.91
N TYR D 87 -4.99 40.25 5.16
CA TYR D 87 -5.05 40.02 3.72
C TYR D 87 -4.89 38.54 3.43
N GLU D 88 -3.91 38.15 2.60
CA GLU D 88 -3.80 36.76 2.16
C GLU D 88 -3.25 35.79 3.20
N PHE D 89 -2.77 36.32 4.32
CA PHE D 89 -2.03 35.46 5.23
C PHE D 89 -2.90 35.01 6.40
N ILE D 90 -3.05 33.70 6.54
CA ILE D 90 -3.81 33.15 7.64
C ILE D 90 -2.97 32.22 8.46
N VAL D 91 -2.74 32.58 9.71
CA VAL D 91 -2.03 31.72 10.64
C VAL D 91 -2.72 30.34 10.75
N PRO D 92 -1.93 29.29 11.04
CA PRO D 92 -2.47 27.93 11.14
C PRO D 92 -3.44 27.73 12.30
N GLY D 93 -3.22 28.47 13.39
CA GLY D 93 -4.23 28.53 14.44
C GLY D 93 -4.11 27.66 15.69
N THR D 94 -4.96 27.99 16.65
CA THR D 94 -4.99 27.33 17.96
C THR D 94 -6.24 26.49 18.16
N ARG D 95 -6.05 25.22 18.48
CA ARG D 95 -7.17 24.37 18.89
C ARG D 95 -7.55 24.62 20.34
N LEU D 96 -8.82 24.93 20.59
CA LEU D 96 -9.32 25.05 21.97
C LEU D 96 -10.19 23.85 22.29
N ASP D 97 -9.88 23.15 23.36
CA ASP D 97 -10.79 22.12 23.85
C ASP D 97 -11.20 22.34 25.30
N LEU D 98 -12.29 21.70 25.69
CA LEU D 98 -12.83 21.80 27.03
C LEU D 98 -12.02 20.91 27.94
N LYS D 99 -11.59 21.47 29.06
CA LYS D 99 -10.84 20.73 30.07
C LYS D 99 -11.76 19.84 30.93
N ARG D 100 -11.24 18.70 31.34
CA ARG D 100 -11.97 17.79 32.20
C ARG D 100 -10.91 17.09 33.02
N THR D 101 -11.33 16.27 33.95
CA THR D 101 -10.41 15.53 34.79
C THR D 101 -9.60 14.60 33.92
N VAL D 102 -8.33 14.43 34.26
CA VAL D 102 -7.48 13.56 33.47
C VAL D 102 -8.04 12.14 33.47
N ALA D 103 -7.87 11.46 32.33
CA ALA D 103 -8.43 10.13 32.13
C ALA D 103 -7.50 9.26 31.26
N ALA D 104 -7.01 8.17 31.84
CA ALA D 104 -6.15 7.25 31.10
C ALA D 104 -6.98 6.47 30.09
N PRO D 105 -6.37 6.14 28.94
CA PRO D 105 -7.02 5.35 27.89
C PRO D 105 -7.44 3.96 28.35
N SER D 106 -8.68 3.60 28.08
CA SER D 106 -9.09 2.21 28.10
C SER D 106 -8.40 1.57 26.89
N VAL D 107 -7.45 0.66 27.12
CA VAL D 107 -6.70 0.12 26.00
C VAL D 107 -7.08 -1.30 25.59
N PHE D 108 -7.17 -1.52 24.28
CA PHE D 108 -7.47 -2.84 23.71
C PHE D 108 -6.73 -3.12 22.41
N ILE D 109 -6.67 -4.39 22.06
CA ILE D 109 -6.02 -4.86 20.85
C ILE D 109 -6.96 -5.80 20.10
N PHE D 110 -6.76 -5.90 18.79
CA PHE D 110 -7.60 -6.73 17.97
C PHE D 110 -6.75 -7.44 16.94
N PRO D 111 -6.60 -8.76 17.12
CA PRO D 111 -5.92 -9.65 16.18
C PRO D 111 -6.64 -9.62 14.86
N PRO D 112 -5.92 -9.87 13.77
CA PRO D 112 -6.52 -9.99 12.45
C PRO D 112 -7.69 -10.99 12.41
N SER D 113 -8.74 -10.64 11.67
CA SER D 113 -9.86 -11.55 11.44
C SER D 113 -9.47 -12.57 10.39
N ASP D 114 -9.76 -13.84 10.64
CA ASP D 114 -9.37 -14.87 9.70
C ASP D 114 -10.05 -14.68 8.34
N GLU D 115 -11.30 -14.25 8.36
CA GLU D 115 -12.01 -13.87 7.13
C GLU D 115 -11.13 -12.99 6.24
N GLN D 116 -10.31 -12.16 6.87
CA GLN D 116 -9.45 -11.21 6.17
C GLN D 116 -8.11 -11.80 5.74
N LEU D 117 -7.48 -12.60 6.60
CA LEU D 117 -6.24 -13.27 6.18
C LEU D 117 -6.44 -13.96 4.82
N LYS D 118 -7.65 -14.47 4.58
CA LYS D 118 -7.99 -15.03 3.28
C LYS D 118 -7.72 -14.08 2.10
N SER D 119 -7.45 -12.82 2.41
CA SER D 119 -7.24 -11.80 1.38
C SER D 119 -5.77 -11.49 1.20
N GLY D 120 -4.94 -12.05 2.09
CA GLY D 120 -3.49 -11.90 2.02
C GLY D 120 -2.93 -10.77 2.84
N THR D 121 -3.79 -9.82 3.21
CA THR D 121 -3.40 -8.68 4.02
C THR D 121 -3.90 -8.89 5.43
N ALA D 122 -3.02 -8.72 6.42
CA ALA D 122 -3.45 -8.75 7.82
C ALA D 122 -3.48 -7.34 8.45
N SER D 123 -4.49 -7.07 9.28
CA SER D 123 -4.57 -5.76 9.97
C SER D 123 -4.71 -5.87 11.48
N VAL D 124 -3.68 -5.52 12.24
CA VAL D 124 -3.82 -5.47 13.69
C VAL D 124 -4.28 -4.07 14.15
N VAL D 125 -5.21 -4.04 15.08
CA VAL D 125 -5.80 -2.77 15.49
C VAL D 125 -5.61 -2.49 16.97
N CYS D 126 -5.34 -1.23 17.30
CA CYS D 126 -5.27 -0.81 18.70
C CYS D 126 -6.28 0.29 18.97
N LEU D 127 -6.92 0.21 20.12
CA LEU D 127 -7.95 1.14 20.51
C LEU D 127 -7.60 1.76 21.85
N LEU D 128 -7.49 3.08 21.88
CA LEU D 128 -7.35 3.83 23.13
C LEU D 128 -8.66 4.54 23.30
N ASN D 129 -9.35 4.27 24.40
CA ASN D 129 -10.70 4.73 24.54
C ASN D 129 -10.92 5.71 25.67
N ASN D 130 -11.57 6.81 25.33
CA ASN D 130 -12.01 7.79 26.31
C ASN D 130 -10.93 8.28 27.26
N PHE D 131 -9.94 8.96 26.70
CA PHE D 131 -8.84 9.53 27.49
C PHE D 131 -8.81 11.06 27.38
N TYR D 132 -8.15 11.69 28.35
CA TYR D 132 -7.94 13.13 28.34
C TYR D 132 -6.73 13.52 29.20
N PRO D 133 -5.92 14.47 28.73
CA PRO D 133 -6.07 15.28 27.51
C PRO D 133 -5.77 14.46 26.28
N ARG D 134 -5.68 15.14 25.13
CA ARG D 134 -5.74 14.46 23.85
C ARG D 134 -4.41 13.98 23.29
N GLU D 135 -3.30 14.39 23.89
CA GLU D 135 -1.99 13.98 23.37
C GLU D 135 -1.64 12.58 23.82
N ALA D 136 -1.19 11.76 22.88
CA ALA D 136 -0.97 10.34 23.17
C ALA D 136 0.05 9.69 22.24
N LYS D 137 0.64 8.59 22.70
CA LYS D 137 1.62 7.86 21.90
C LYS D 137 1.36 6.35 21.90
N VAL D 138 0.98 5.81 20.74
CA VAL D 138 0.87 4.35 20.57
C VAL D 138 2.21 3.75 20.18
N GLN D 139 2.48 2.56 20.68
CA GLN D 139 3.65 1.80 20.22
C GLN D 139 3.27 0.39 19.83
N TRP D 140 3.63 0.01 18.62
CA TRP D 140 3.35 -1.33 18.11
C TRP D 140 4.55 -2.26 18.28
N LYS D 141 4.42 -3.25 19.15
CA LYS D 141 5.50 -4.22 19.34
C LYS D 141 5.06 -5.65 19.04
N VAL D 142 5.92 -6.40 18.35
CA VAL D 142 5.68 -7.81 18.09
C VAL D 142 6.97 -8.59 18.33
N ASP D 143 6.93 -9.53 19.27
CA ASP D 143 8.12 -10.25 19.68
C ASP D 143 9.20 -9.26 20.12
N ASN D 144 8.77 -8.11 20.64
CA ASN D 144 9.67 -7.06 21.11
C ASN D 144 10.40 -6.32 20.00
N ALA D 145 10.07 -6.67 18.75
CA ALA D 145 10.52 -5.92 17.60
C ALA D 145 9.75 -4.61 17.59
N LEU D 146 10.42 -3.51 17.25
CA LEU D 146 9.73 -2.24 17.19
C LEU D 146 9.49 -1.85 15.74
N GLN D 147 8.21 -1.85 15.35
CA GLN D 147 7.85 -1.51 13.98
C GLN D 147 7.83 0.00 13.84
N SER D 148 8.31 0.48 12.69
CA SER D 148 8.71 1.87 12.54
C SER D 148 8.20 2.47 11.24
N GLY D 149 7.62 1.61 10.42
CA GLY D 149 6.80 2.05 9.29
C GLY D 149 5.55 1.21 9.43
N ASN D 150 4.61 1.33 8.52
CA ASN D 150 3.44 0.43 8.47
C ASN D 150 2.27 0.67 9.47
N SER D 151 2.07 1.93 9.88
CA SER D 151 1.04 2.26 10.88
C SER D 151 0.15 3.43 10.48
N GLN D 152 -1.15 3.29 10.70
CA GLN D 152 -2.07 4.42 10.60
C GLN D 152 -2.58 4.82 11.97
N GLU D 153 -3.00 6.08 12.09
CA GLU D 153 -3.59 6.60 13.33
C GLU D 153 -4.73 7.55 13.02
N SER D 154 -5.80 7.44 13.79
CA SER D 154 -6.99 8.25 13.63
C SER D 154 -7.50 8.59 15.02
N VAL D 155 -7.98 9.82 15.21
CA VAL D 155 -8.45 10.24 16.51
C VAL D 155 -9.79 10.94 16.36
N THR D 156 -10.71 10.70 17.30
CA THR D 156 -12.00 11.38 17.32
C THR D 156 -11.90 12.84 17.73
N GLU D 157 -12.96 13.60 17.43
CA GLU D 157 -13.11 14.96 17.97
C GLU D 157 -13.42 14.86 19.45
N GLN D 158 -13.27 15.94 20.21
CA GLN D 158 -13.61 15.83 21.63
C GLN D 158 -15.06 15.43 21.75
N ASP D 159 -15.36 14.50 22.64
CA ASP D 159 -16.70 13.98 22.70
C ASP D 159 -17.64 14.95 23.39
N SER D 160 -18.79 15.21 22.78
CA SER D 160 -19.73 16.25 23.20
C SER D 160 -20.45 15.88 24.50
N LYS D 161 -20.05 14.77 25.12
CA LYS D 161 -20.73 14.32 26.33
C LYS D 161 -19.77 14.23 27.49
N ASP D 162 -18.73 13.42 27.30
CA ASP D 162 -17.82 13.10 28.38
C ASP D 162 -16.48 13.77 28.16
N SER D 163 -16.42 14.65 27.17
CA SER D 163 -15.22 15.45 26.89
C SER D 163 -13.92 14.66 26.70
N THR D 164 -14.01 13.41 26.26
CA THR D 164 -12.83 12.60 26.02
C THR D 164 -12.48 12.53 24.55
N TYR D 165 -11.37 11.87 24.29
CA TYR D 165 -10.98 11.54 22.94
C TYR D 165 -10.80 10.05 22.87
N SER D 166 -10.73 9.54 21.64
CA SER D 166 -10.40 8.14 21.41
C SER D 166 -9.49 8.10 20.20
N LEU D 167 -8.68 7.04 20.14
CA LEU D 167 -7.70 6.91 19.09
C LEU D 167 -7.62 5.48 18.64
N SER D 168 -7.61 5.30 17.32
CA SER D 168 -7.43 4.00 16.68
C SER D 168 -6.15 3.97 15.83
N SER D 169 -5.37 2.92 15.96
CA SER D 169 -4.10 2.80 15.23
C SER D 169 -4.04 1.47 14.50
N THR D 170 -3.93 1.50 13.18
CA THR D 170 -3.96 0.26 12.40
C THR D 170 -2.61 -0.18 11.84
N LEU D 171 -2.06 -1.22 12.43
CA LEU D 171 -0.84 -1.86 11.95
C LEU D 171 -1.18 -2.88 10.85
N THR D 172 -1.02 -2.47 9.58
CA THR D 172 -1.26 -3.36 8.45
C THR D 172 -0.01 -4.08 7.92
N LEU D 173 0.00 -5.42 7.99
CA LEU D 173 1.11 -6.22 7.44
C LEU D 173 0.69 -7.52 6.72
N SER D 174 1.44 -7.89 5.68
CA SER D 174 1.09 -9.02 4.81
C SER D 174 0.86 -10.36 5.52
N LYS D 175 0.17 -11.25 4.81
CA LYS D 175 -0.20 -12.59 5.28
C LYS D 175 0.94 -13.44 5.84
N ALA D 176 2.09 -13.43 5.17
CA ALA D 176 3.19 -14.31 5.56
C ALA D 176 3.88 -13.83 6.82
N ASP D 177 4.50 -12.67 6.74
CA ASP D 177 5.29 -12.13 7.84
C ASP D 177 4.48 -12.03 9.13
N TYR D 178 3.17 -12.17 9.06
CA TYR D 178 2.34 -12.19 10.28
C TYR D 178 2.47 -13.50 11.05
N GLU D 179 2.26 -14.61 10.36
CA GLU D 179 2.22 -15.93 11.01
C GLU D 179 3.53 -16.32 11.70
N LYS D 180 4.61 -15.69 11.27
CA LYS D 180 5.98 -15.99 11.65
C LYS D 180 6.36 -15.53 13.06
N HIS D 181 5.48 -14.77 13.69
CA HIS D 181 5.81 -14.22 14.99
C HIS D 181 4.67 -14.54 15.92
N LYS D 182 4.91 -14.38 17.21
CA LYS D 182 4.00 -14.92 18.23
C LYS D 182 3.30 -13.86 19.06
N VAL D 183 4.08 -13.06 19.77
CA VAL D 183 3.52 -12.06 20.69
C VAL D 183 3.29 -10.68 20.06
N TYR D 184 1.96 -10.22 20.01
CA TYR D 184 1.60 -8.89 19.51
C TYR D 184 1.09 -8.01 20.63
N ALA D 185 1.95 -7.09 21.02
CA ALA D 185 1.56 -6.19 22.09
C ALA D 185 1.33 -4.76 21.59
N CYS D 186 0.36 -4.10 22.20
CA CYS D 186 0.16 -2.65 22.00
C CYS D 186 0.57 -1.92 23.28
N GLU D 187 1.54 -1.01 23.16
CA GLU D 187 2.04 -0.26 24.32
C GLU D 187 1.90 1.26 24.18
N VAL D 188 0.98 1.84 24.95
CA VAL D 188 0.68 3.27 24.82
C VAL D 188 1.09 4.09 26.05
N THR D 189 1.56 5.31 25.80
CA THR D 189 1.97 6.22 26.87
C THR D 189 1.13 7.50 26.86
N HIS D 190 0.43 7.75 27.96
CA HIS D 190 -0.45 8.91 28.07
C HIS D 190 -0.27 9.63 29.40
N GLN D 191 -0.53 10.94 29.40
CA GLN D 191 -0.40 11.71 30.62
C GLN D 191 -1.01 11.03 31.83
N GLY D 192 -2.28 10.66 31.72
CA GLY D 192 -3.01 10.14 32.86
C GLY D 192 -2.61 8.74 33.28
N LEU D 193 -1.58 8.21 32.65
CA LEU D 193 -1.11 6.87 32.99
C LEU D 193 0.24 6.87 33.68
N SER D 194 0.26 6.39 34.93
CA SER D 194 1.47 6.39 35.77
C SER D 194 2.65 5.67 35.12
N SER D 195 2.35 4.76 34.20
CA SER D 195 3.36 3.91 33.58
C SER D 195 2.85 3.35 32.27
N PRO D 196 3.59 3.59 31.17
CA PRO D 196 3.14 3.05 29.89
C PRO D 196 2.63 1.63 30.09
N VAL D 197 1.39 1.34 29.69
CA VAL D 197 0.85 0.00 29.88
C VAL D 197 0.51 -0.68 28.55
N THR D 198 0.57 -2.00 28.56
CA THR D 198 0.44 -2.79 27.34
C THR D 198 -0.67 -3.82 27.41
N LYS D 199 -1.36 -3.99 26.30
CA LYS D 199 -2.26 -5.13 26.12
C LYS D 199 -1.68 -5.97 25.00
N SER D 200 -1.38 -7.24 25.30
CA SER D 200 -0.62 -8.09 24.39
C SER D 200 -1.24 -9.46 24.17
N PHE D 201 -1.43 -9.85 22.91
CA PHE D 201 -1.93 -11.18 22.59
C PHE D 201 -0.94 -12.12 21.89
N ASN D 202 -1.41 -13.33 21.59
CA ASN D 202 -0.70 -14.34 20.83
C ASN D 202 -1.58 -15.59 20.74
N ARG D 203 -1.08 -16.66 20.15
CA ARG D 203 -1.93 -17.82 19.93
C ARG D 203 -2.20 -18.73 21.14
N GLY D 204 -3.38 -18.55 21.71
CA GLY D 204 -3.90 -19.39 22.77
C GLY D 204 -5.42 -19.39 22.74
N GLU D 205 -5.99 -18.28 22.27
CA GLU D 205 -7.44 -18.06 22.18
C GLU D 205 -8.30 -19.09 22.89
C1 NAG E . 27.80 -38.40 0.31
C2 NAG E . 28.32 -39.87 0.64
C3 NAG E . 29.38 -39.83 1.81
C4 NAG E . 30.28 -38.55 1.77
C5 NAG E . 29.48 -37.31 1.36
C6 NAG E . 30.41 -36.13 1.06
C7 NAG E . 26.72 -41.80 0.25
C8 NAG E . 25.43 -42.43 0.71
N2 NAG E . 27.11 -40.64 0.99
O3 NAG E . 30.19 -40.94 1.60
O4 NAG E . 30.83 -38.39 3.04
O5 NAG E . 28.90 -37.59 0.17
O6 NAG E . 30.87 -36.34 -0.25
O7 NAG E . 27.38 -42.23 -0.69
C1 NAG F . -2.57 39.76 25.61
C2 NAG F . -2.23 41.24 26.07
C3 NAG F . -0.99 41.19 27.04
C4 NAG F . -1.30 40.20 28.17
C5 NAG F . -1.64 38.83 27.54
C6 NAG F . -2.11 37.87 28.65
C7 NAG F . -2.91 43.08 24.51
C8 NAG F . -2.58 43.80 23.25
N2 NAG F . -1.99 42.04 24.85
O3 NAG F . -0.90 42.46 27.62
O4 NAG F . -0.18 40.15 29.01
O5 NAG F . -2.75 38.99 26.76
O6 NAG F . -3.13 38.59 29.34
O7 NAG F . -3.89 43.37 25.19
#